data_8RKE
#
_entry.id   8RKE
#
_cell.length_a   147.680
_cell.length_b   97.770
_cell.length_c   104.330
_cell.angle_alpha   90.000
_cell.angle_beta   94.803
_cell.angle_gamma   90.000
#
_symmetry.space_group_name_H-M   'C 1 2 1'
#
loop_
_entity.id
_entity.type
_entity.pdbx_description
1 polymer 'Zona pellucida sperm-binding protein 2'
2 branched alpha-D-mannopyranose-(1-3)-alpha-D-mannopyranose-(1-6)-[alpha-D-mannopyranose-(1-3)]beta-D-mannopyranose-(1-4)-2-acetamido-2-deoxy-beta-D-glucopyranose-(1-4)-2-acetamido-2-deoxy-beta-D-glucopyranose
3 branched alpha-D-mannopyranose-(1-3)-[alpha-D-mannopyranose-(1-6)]alpha-D-mannopyranose-(1-6)-[alpha-D-mannopyranose-(1-3)]beta-D-mannopyranose-(1-4)-2-acetamido-2-deoxy-beta-D-glucopyranose-(1-4)-2-acetamido-2-deoxy-beta-D-glucopyranose
4 non-polymer 2-acetamido-2-deoxy-beta-D-glucopyranose
5 water water
#
_entity_poly.entity_id   1
_entity_poly.type   'polypeptide(L)'
_entity_poly.pdbx_seq_one_letter_code
;IDVSQLVNPAFPGTVTCDEREITVEFPSSPGTKKWHASVVDPLGLDMPNCTYILDPEKLTLRATYDNCTRRVHGGHQMTI
RVMNNSAALRHGAVMYQFFCPAMQVEETQGLSASTICQKDFMSFSLPRVFSGLADDSKGTKVQMGWSIEVGDGARAKTLT
LPEAMKEGFSLLIDNHRMTFHVPFNATGVTHYVQGNSHLYMVSLKLTFISPGQKVIFSSQAICAPDPVTCNATHMTLTIP
EFPGKLKSVSFENQNIDVSQLHDNGIDLEATNGMKLHFSKTLLKTKLSEKCLLHQFYLASLKLTFLLRPETVSMVIYPEC
LCESPVSLEHHHHHH
;
_entity_poly.pdbx_strand_id   A,B,C
#
# COMPACT_ATOMS: atom_id res chain seq x y z
N ASN A 8 32.57 28.45 10.17
CA ASN A 8 34.00 28.61 9.88
C ASN A 8 34.80 27.29 9.98
N PRO A 9 34.61 26.50 11.04
CA PRO A 9 35.28 25.19 11.09
C PRO A 9 34.60 24.17 10.17
N ALA A 10 35.37 23.16 9.81
CA ALA A 10 34.82 22.05 9.04
C ALA A 10 33.97 21.16 9.94
N PHE A 11 32.87 20.66 9.39
CA PHE A 11 31.91 19.90 10.18
C PHE A 11 32.37 18.46 10.34
N PRO A 12 32.55 17.96 11.57
CA PRO A 12 33.10 16.61 11.74
C PRO A 12 32.15 15.50 11.37
N GLY A 13 30.84 15.77 11.31
CA GLY A 13 29.87 14.77 10.95
C GLY A 13 29.71 14.61 9.45
N THR A 14 28.60 13.99 9.06
CA THR A 14 28.27 13.72 7.67
C THR A 14 26.90 14.29 7.35
N VAL A 15 26.74 14.80 6.13
CA VAL A 15 25.50 15.39 5.65
C VAL A 15 25.03 14.61 4.42
N THR A 16 23.73 14.35 4.35
CA THR A 16 23.13 13.71 3.19
C THR A 16 22.04 14.61 2.61
N CYS A 17 22.15 14.91 1.31
CA CYS A 17 21.19 15.71 0.60
C CYS A 17 20.33 14.81 -0.27
N ASP A 18 19.01 14.90 -0.11
CA ASP A 18 18.07 14.16 -0.92
C ASP A 18 17.23 15.18 -1.70
N GLU A 19 16.33 14.68 -2.54
CA GLU A 19 15.53 15.58 -3.36
C GLU A 19 14.67 16.52 -2.52
N ARG A 20 14.21 16.07 -1.36
CA ARG A 20 13.29 16.85 -0.53
C ARG A 20 13.89 17.32 0.79
N GLU A 21 14.72 16.53 1.44
CA GLU A 21 15.16 16.84 2.80
C GLU A 21 16.67 16.63 2.92
N ILE A 22 17.23 17.23 3.97
CA ILE A 22 18.64 17.10 4.31
C ILE A 22 18.76 16.47 5.69
N THR A 23 19.74 15.57 5.85
CA THR A 23 19.98 14.89 7.11
C THR A 23 21.41 15.17 7.57
N VAL A 24 21.54 15.62 8.81
CA VAL A 24 22.84 15.93 9.39
C VAL A 24 23.11 14.91 10.49
N GLU A 25 24.18 14.14 10.33
CA GLU A 25 24.61 13.17 11.34
C GLU A 25 25.85 13.67 12.04
N PHE A 26 25.88 13.52 13.37
CA PHE A 26 26.96 13.96 14.23
C PHE A 26 27.77 12.76 14.70
N PRO A 27 29.07 12.95 14.97
CA PRO A 27 29.87 11.82 15.47
C PRO A 27 29.55 11.51 16.91
N SER A 28 29.91 10.29 17.32
CA SER A 28 29.63 9.81 18.67
C SER A 28 30.57 10.46 19.67
N SER A 29 29.99 11.03 20.73
CA SER A 29 30.77 11.66 21.80
C SER A 29 30.11 11.39 23.15
N PRO A 30 30.81 10.74 24.09
CA PRO A 30 30.30 10.45 25.43
C PRO A 30 29.87 11.69 26.20
N TRP A 35 26.11 16.29 22.04
CA TRP A 35 25.83 17.35 21.08
C TRP A 35 24.43 17.93 21.30
N HIS A 36 24.26 19.19 20.93
CA HIS A 36 22.95 19.85 20.91
C HIS A 36 22.94 20.85 19.77
N ALA A 37 21.95 20.74 18.88
CA ALA A 37 21.96 21.50 17.64
C ALA A 37 20.60 22.11 17.34
N SER A 38 20.64 23.19 16.56
CA SER A 38 19.44 23.93 16.17
C SER A 38 19.59 24.38 14.73
N VAL A 39 18.47 24.70 14.09
CA VAL A 39 18.45 25.20 12.71
C VAL A 39 18.22 26.70 12.75
N VAL A 40 19.09 27.46 12.08
CA VAL A 40 19.07 28.91 12.13
C VAL A 40 19.35 29.47 10.74
N ASP A 41 19.10 30.76 10.59
CA ASP A 41 19.47 31.50 9.40
C ASP A 41 20.92 31.96 9.54
N PRO A 42 21.52 32.56 8.50
CA PRO A 42 22.94 32.93 8.60
C PRO A 42 23.26 33.85 9.77
N LEU A 43 22.33 34.67 10.22
CA LEU A 43 22.59 35.53 11.38
C LEU A 43 22.56 34.75 12.70
N GLY A 44 21.94 33.58 12.73
CA GLY A 44 21.92 32.75 13.92
C GLY A 44 20.61 32.69 14.68
N LEU A 45 19.54 33.26 14.14
CA LEU A 45 18.24 33.27 14.81
C LEU A 45 17.42 32.08 14.33
N ASP A 46 16.65 31.50 15.26
CA ASP A 46 15.78 30.38 14.92
C ASP A 46 14.86 30.74 13.75
N MET A 47 14.78 29.85 12.77
CA MET A 47 13.87 30.10 11.66
C MET A 47 12.43 29.90 12.13
N PRO A 48 11.53 30.85 11.85
CA PRO A 48 10.20 30.78 12.48
C PRO A 48 9.38 29.58 12.02
N ASN A 49 9.36 29.30 10.73
CA ASN A 49 8.54 28.24 10.15
C ASN A 49 9.28 26.92 9.99
N CYS A 50 10.51 26.80 10.48
CA CYS A 50 11.25 25.55 10.30
C CYS A 50 10.87 24.54 11.37
N THR A 51 10.39 23.39 10.93
CA THR A 51 10.19 22.23 11.78
C THR A 51 11.20 21.16 11.36
N TYR A 52 12.01 20.69 12.30
CA TYR A 52 12.98 19.65 12.06
C TYR A 52 12.81 18.52 13.08
N ILE A 53 13.44 17.38 12.80
CA ILE A 53 13.28 16.18 13.61
C ILE A 53 14.64 15.76 14.14
N LEU A 54 14.71 15.52 15.44
CA LEU A 54 15.92 15.06 16.10
C LEU A 54 15.74 13.60 16.50
N ASP A 55 16.79 12.82 16.32
CA ASP A 55 16.82 11.41 16.66
C ASP A 55 18.01 11.19 17.58
N PRO A 56 17.80 11.24 18.89
CA PRO A 56 18.93 11.04 19.82
C PRO A 56 19.59 9.69 19.69
N GLU A 57 18.84 8.67 19.27
CA GLU A 57 19.41 7.35 19.06
C GLU A 57 20.39 7.36 17.88
N LYS A 58 19.97 7.91 16.75
CA LYS A 58 20.78 7.95 15.54
C LYS A 58 21.67 9.18 15.45
N LEU A 59 21.52 10.14 16.37
CA LEU A 59 22.32 11.36 16.39
C LEU A 59 22.19 12.11 15.06
N THR A 60 20.95 12.37 14.65
CA THR A 60 20.68 12.99 13.37
C THR A 60 19.68 14.14 13.52
N LEU A 61 19.81 15.11 12.63
CA LEU A 61 18.86 16.21 12.48
C LEU A 61 18.36 16.16 11.05
N ARG A 62 17.05 16.15 10.87
CA ARG A 62 16.45 16.00 9.56
C ARG A 62 15.48 17.15 9.33
N ALA A 63 15.54 17.74 8.13
CA ALA A 63 14.68 18.86 7.81
C ALA A 63 14.45 18.91 6.30
N THR A 64 13.26 19.36 5.91
CA THR A 64 12.96 19.59 4.51
C THR A 64 13.52 20.93 4.08
N TYR A 65 13.82 21.06 2.79
CA TYR A 65 14.40 22.30 2.29
C TYR A 65 13.45 23.47 2.50
N ASP A 66 12.16 23.28 2.24
CA ASP A 66 11.19 24.33 2.46
C ASP A 66 11.20 24.76 3.92
N ASN A 67 11.28 26.08 4.14
CA ASN A 67 11.07 26.69 5.45
C ASN A 67 12.23 26.45 6.41
N CYS A 68 13.19 25.61 6.04
CA CYS A 68 14.33 25.30 6.90
C CYS A 68 15.66 25.65 6.27
N THR A 69 15.66 26.12 5.02
CA THR A 69 16.85 26.52 4.30
C THR A 69 16.51 27.77 3.52
N ARG A 70 17.54 28.50 3.11
CA ARG A 70 17.37 29.64 2.23
C ARG A 70 17.72 29.22 0.82
N ARG A 71 16.86 29.59 -0.13
CA ARG A 71 17.09 29.27 -1.53
C ARG A 71 18.25 30.11 -2.06
N VAL A 72 19.30 29.44 -2.52
CA VAL A 72 20.46 30.11 -3.07
C VAL A 72 20.66 29.63 -4.51
N HIS A 73 21.63 30.26 -5.18
CA HIS A 73 21.91 29.95 -6.58
C HIS A 73 22.29 28.48 -6.75
N GLY A 74 21.45 27.73 -7.44
CA GLY A 74 21.72 26.34 -7.76
C GLY A 74 21.54 25.35 -6.65
N GLY A 75 20.76 25.68 -5.61
CA GLY A 75 20.53 24.72 -4.55
C GLY A 75 19.89 25.36 -3.33
N HIS A 76 20.10 24.71 -2.18
CA HIS A 76 19.58 25.16 -0.89
C HIS A 76 20.71 25.21 0.11
N GLN A 77 20.63 26.15 1.04
CA GLN A 77 21.64 26.34 2.07
C GLN A 77 20.99 26.26 3.45
N MET A 78 21.53 25.40 4.31
CA MET A 78 21.06 25.29 5.68
C MET A 78 22.18 25.73 6.62
N THR A 79 21.80 26.43 7.67
CA THR A 79 22.74 26.86 8.70
C THR A 79 22.30 26.26 10.03
N ILE A 80 23.26 25.73 10.79
CA ILE A 80 22.96 25.13 12.09
C ILE A 80 23.88 25.73 13.14
N ARG A 81 23.42 25.66 14.39
CA ARG A 81 24.17 26.11 15.56
C ARG A 81 24.38 24.92 16.48
N VAL A 82 25.61 24.73 16.94
CA VAL A 82 25.98 23.60 17.80
C VAL A 82 26.58 24.13 19.11
N MET A 83 26.23 23.47 20.21
CA MET A 83 26.75 23.84 21.52
C MET A 83 27.20 22.61 22.29
N GLY A 92 31.94 27.14 22.23
CA GLY A 92 30.70 27.31 22.96
C GLY A 92 29.48 27.27 22.07
N ALA A 93 29.49 28.11 21.02
CA ALA A 93 28.39 28.19 20.06
C ALA A 93 29.01 28.29 18.67
N VAL A 94 29.20 27.14 18.03
CA VAL A 94 29.77 27.04 16.69
C VAL A 94 28.63 26.99 15.68
N MET A 95 28.87 27.53 14.48
CA MET A 95 27.89 27.50 13.41
C MET A 95 28.49 26.84 12.17
N TYR A 96 27.66 26.06 11.49
CA TYR A 96 28.04 25.36 10.26
C TYR A 96 27.03 25.66 9.17
N GLN A 97 27.47 25.55 7.93
CA GLN A 97 26.60 25.73 6.78
C GLN A 97 26.78 24.57 5.82
N PHE A 98 25.68 24.16 5.22
CA PHE A 98 25.69 23.07 4.27
C PHE A 98 24.98 23.52 3.00
N PHE A 99 25.48 23.03 1.88
CA PHE A 99 24.87 23.32 0.59
C PHE A 99 24.38 22.01 0.01
N CYS A 100 23.16 22.01 -0.51
CA CYS A 100 22.60 20.83 -1.13
C CYS A 100 22.21 21.21 -2.54
N PRO A 101 22.80 20.58 -3.56
CA PRO A 101 22.47 20.93 -4.94
C PRO A 101 21.04 20.55 -5.28
N ALA A 102 20.43 21.36 -6.14
CA ALA A 102 19.14 21.01 -6.72
C ALA A 102 19.43 20.20 -7.97
N MET A 103 18.79 19.04 -8.08
CA MET A 103 19.12 18.12 -9.15
C MET A 103 17.90 17.80 -10.00
N SER A 112 19.09 17.15 -15.13
CA SER A 112 18.01 16.89 -16.06
C SER A 112 17.41 15.50 -15.83
N ALA A 113 16.12 15.46 -15.47
CA ALA A 113 15.42 14.19 -15.38
C ALA A 113 15.24 13.53 -16.74
N SER A 114 15.51 14.25 -17.83
CA SER A 114 15.46 13.68 -19.15
C SER A 114 16.58 12.65 -19.32
N THR A 115 16.22 11.49 -19.87
CA THR A 115 17.17 10.44 -20.21
C THR A 115 17.77 10.71 -21.58
N ILE A 116 19.09 10.60 -21.70
CA ILE A 116 19.76 10.75 -22.98
C ILE A 116 19.74 9.39 -23.65
N CYS A 117 18.99 9.26 -24.72
CA CYS A 117 18.72 7.97 -25.35
C CYS A 117 19.48 7.89 -26.66
N GLN A 118 20.38 6.92 -26.75
CA GLN A 118 21.22 6.67 -27.92
C GLN A 118 21.12 5.21 -28.32
N LYS A 119 21.60 4.91 -29.53
CA LYS A 119 21.43 3.57 -30.08
C LYS A 119 22.11 2.49 -29.24
N ASP A 120 23.13 2.85 -28.45
CA ASP A 120 23.92 1.86 -27.74
C ASP A 120 23.71 1.81 -26.24
N PHE A 121 23.17 2.88 -25.62
CA PHE A 121 23.05 2.93 -24.17
C PHE A 121 22.21 4.13 -23.79
N MET A 122 21.95 4.24 -22.48
CA MET A 122 21.28 5.37 -21.84
C MET A 122 22.28 6.13 -20.99
N SER A 123 21.96 7.38 -20.71
CA SER A 123 22.84 8.18 -19.88
C SER A 123 22.03 9.29 -19.23
N PHE A 124 22.61 9.86 -18.18
CA PHE A 124 22.06 11.02 -17.52
C PHE A 124 23.12 12.10 -17.56
N SER A 125 22.70 13.34 -17.79
CA SER A 125 23.59 14.48 -17.79
C SER A 125 23.21 15.36 -16.60
N LEU A 126 24.12 15.50 -15.65
CA LEU A 126 23.75 16.09 -14.38
C LEU A 126 24.65 17.27 -14.05
N PRO A 127 24.15 18.23 -13.27
CA PRO A 127 25.03 19.31 -12.81
C PRO A 127 26.13 18.71 -11.96
N ARG A 128 27.31 19.33 -12.01
CA ARG A 128 28.40 18.89 -11.15
C ARG A 128 28.04 18.97 -9.67
N VAL A 129 28.32 17.89 -8.96
CA VAL A 129 28.20 17.82 -7.52
C VAL A 129 29.62 17.72 -6.96
N PHE A 130 29.75 17.85 -5.65
CA PHE A 130 31.05 17.72 -5.02
C PHE A 130 31.00 16.71 -3.88
N GLN A 143 39.36 12.89 -5.23
CA GLN A 143 38.53 11.97 -6.00
C GLN A 143 37.27 11.61 -5.23
N MET A 144 36.18 11.33 -5.95
CA MET A 144 34.90 11.03 -5.36
C MET A 144 34.42 9.64 -5.72
N GLY A 145 33.48 9.14 -4.92
CA GLY A 145 32.92 7.82 -5.08
C GLY A 145 31.44 7.91 -5.38
N TRP A 146 30.84 6.78 -5.73
CA TRP A 146 29.41 6.77 -5.99
C TRP A 146 28.89 5.35 -5.79
N SER A 147 27.57 5.24 -5.65
CA SER A 147 26.88 3.97 -5.54
C SER A 147 25.57 4.10 -6.29
N ILE A 148 25.08 2.98 -6.82
CA ILE A 148 23.85 2.96 -7.60
C ILE A 148 22.90 1.93 -6.98
N GLU A 149 21.62 2.29 -6.91
CA GLU A 149 20.57 1.38 -6.49
C GLU A 149 19.65 1.15 -7.69
N VAL A 150 19.51 -0.12 -8.09
CA VAL A 150 18.79 -0.49 -9.30
C VAL A 150 17.57 -1.30 -8.90
N GLY A 151 16.40 -0.90 -9.42
CA GLY A 151 15.19 -1.67 -9.24
C GLY A 151 14.22 -0.98 -8.28
N ASP A 152 13.21 -1.75 -7.87
CA ASP A 152 12.13 -1.23 -7.05
C ASP A 152 11.84 -2.20 -5.90
N GLY A 153 11.84 -1.68 -4.68
CA GLY A 153 11.41 -2.46 -3.53
C GLY A 153 12.25 -3.71 -3.33
N ALA A 154 11.59 -4.87 -3.37
CA ALA A 154 12.28 -6.13 -3.15
C ALA A 154 13.35 -6.38 -4.22
N ARG A 155 13.01 -6.15 -5.49
CA ARG A 155 13.98 -6.31 -6.56
C ARG A 155 15.13 -5.30 -6.47
N ALA A 156 14.93 -4.20 -5.75
CA ALA A 156 15.95 -3.17 -5.66
C ALA A 156 17.23 -3.75 -5.10
N LYS A 157 18.35 -3.45 -5.74
CA LYS A 157 19.65 -3.93 -5.33
C LYS A 157 20.62 -2.77 -5.32
N THR A 158 21.64 -2.85 -4.48
CA THR A 158 22.61 -1.79 -4.32
C THR A 158 23.96 -2.30 -4.77
N LEU A 159 24.74 -1.42 -5.40
CA LEU A 159 26.04 -1.78 -5.93
C LEU A 159 27.05 -0.73 -5.49
N THR A 160 28.23 -1.19 -5.09
CA THR A 160 29.34 -0.29 -4.85
C THR A 160 30.06 -0.06 -6.18
N LEU A 161 30.94 0.95 -6.21
CA LEU A 161 31.66 1.23 -7.47
C LEU A 161 32.19 0.00 -8.19
N PRO A 162 32.91 -0.96 -7.54
CA PRO A 162 33.42 -2.13 -8.29
C PRO A 162 32.35 -2.89 -9.06
N GLU A 163 31.31 -3.34 -8.37
CA GLU A 163 30.28 -4.16 -8.99
C GLU A 163 29.51 -3.35 -10.05
N ALA A 164 29.21 -2.09 -9.78
CA ALA A 164 28.49 -1.27 -10.75
C ALA A 164 29.31 -1.08 -12.02
N MET A 165 30.59 -0.75 -11.88
CA MET A 165 31.44 -0.62 -13.07
C MET A 165 31.56 -1.97 -13.79
N LYS A 166 31.65 -3.06 -13.04
CA LYS A 166 31.70 -4.37 -13.68
C LYS A 166 30.44 -4.64 -14.47
N GLU A 167 29.33 -4.01 -14.08
CA GLU A 167 28.09 -4.21 -14.81
C GLU A 167 27.93 -3.26 -15.99
N GLY A 168 28.83 -2.29 -16.16
CA GLY A 168 28.77 -1.36 -17.27
C GLY A 168 28.46 0.06 -16.91
N PHE A 169 28.15 0.33 -15.64
CA PHE A 169 27.86 1.69 -15.21
C PHE A 169 29.16 2.49 -15.15
N SER A 170 29.04 3.79 -15.37
CA SER A 170 30.22 4.65 -15.30
C SER A 170 29.75 6.07 -15.01
N LEU A 171 30.64 6.85 -14.41
CA LEU A 171 30.39 8.26 -14.15
C LEU A 171 31.58 9.06 -14.66
N LEU A 172 31.35 9.92 -15.65
CA LEU A 172 32.41 10.72 -16.26
C LEU A 172 32.27 12.14 -15.75
N ILE A 173 33.23 12.56 -14.96
CA ILE A 173 33.22 13.91 -14.36
C ILE A 173 33.98 14.81 -15.31
N ASP A 174 33.27 15.29 -16.34
CA ASP A 174 33.83 16.36 -17.14
C ASP A 174 33.55 17.71 -16.47
N ASN A 175 34.09 18.76 -17.07
CA ASN A 175 33.87 20.10 -16.54
C ASN A 175 32.47 20.60 -16.89
N HIS A 176 31.87 21.31 -15.92
CA HIS A 176 30.53 21.89 -15.90
C HIS A 176 29.37 20.91 -15.73
N ARG A 177 29.58 19.61 -15.93
CA ARG A 177 28.51 18.62 -15.78
C ARG A 177 29.11 17.22 -15.66
N MET A 178 28.25 16.28 -15.29
CA MET A 178 28.61 14.87 -15.16
C MET A 178 27.73 14.00 -16.04
N THR A 179 28.25 12.83 -16.39
CA THR A 179 27.54 11.90 -17.26
C THR A 179 27.54 10.53 -16.59
N PHE A 180 26.35 9.99 -16.36
CA PHE A 180 26.20 8.68 -15.77
C PHE A 180 25.70 7.73 -16.84
N HIS A 181 26.48 6.69 -17.12
CA HIS A 181 26.28 5.82 -18.26
C HIS A 181 25.51 4.59 -17.80
N VAL A 182 24.36 4.33 -18.41
CA VAL A 182 23.51 3.21 -17.99
C VAL A 182 23.35 2.22 -19.13
N PRO A 183 23.94 1.02 -19.01
CA PRO A 183 23.80 0.04 -20.09
C PRO A 183 22.41 -0.56 -20.18
N PHE A 184 22.01 -0.86 -21.43
CA PHE A 184 20.70 -1.45 -21.67
C PHE A 184 20.57 -2.82 -21.02
N ASN A 185 21.69 -3.54 -20.88
CA ASN A 185 21.66 -4.94 -20.45
C ASN A 185 22.15 -5.12 -19.02
N ALA A 186 22.09 -4.06 -18.20
CA ALA A 186 22.37 -4.19 -16.78
C ALA A 186 21.23 -4.93 -16.08
N THR A 187 21.58 -5.70 -15.05
CA THR A 187 20.57 -6.44 -14.30
C THR A 187 19.53 -5.49 -13.73
N GLY A 188 18.26 -5.87 -13.86
CA GLY A 188 17.16 -5.08 -13.36
C GLY A 188 16.49 -4.17 -14.37
N VAL A 189 16.99 -4.11 -15.60
CA VAL A 189 16.38 -3.28 -16.63
C VAL A 189 15.22 -4.04 -17.25
N THR A 190 14.05 -3.40 -17.31
CA THR A 190 12.92 -3.98 -18.00
C THR A 190 13.08 -3.75 -19.50
N HIS A 191 12.97 -4.83 -20.28
CA HIS A 191 13.22 -4.81 -21.73
C HIS A 191 11.92 -5.14 -22.45
N TYR A 192 11.29 -4.12 -23.03
CA TYR A 192 10.10 -4.29 -23.86
C TYR A 192 10.51 -4.38 -25.33
N VAL A 193 9.74 -5.15 -26.10
CA VAL A 193 9.98 -5.30 -27.53
C VAL A 193 8.64 -5.27 -28.26
N GLN A 194 8.59 -4.53 -29.37
CA GLN A 194 7.44 -4.54 -30.27
C GLN A 194 7.99 -4.41 -31.68
N GLY A 195 7.91 -5.50 -32.44
CA GLY A 195 8.52 -5.52 -33.77
C GLY A 195 10.03 -5.40 -33.67
N ASN A 196 10.57 -4.32 -34.25
CA ASN A 196 11.99 -4.03 -34.17
C ASN A 196 12.31 -2.91 -33.18
N SER A 197 11.30 -2.23 -32.67
CA SER A 197 11.52 -1.18 -31.68
C SER A 197 11.66 -1.81 -30.31
N HIS A 198 12.58 -1.27 -29.52
CA HIS A 198 12.85 -1.74 -28.17
C HIS A 198 12.68 -0.60 -27.19
N LEU A 199 12.42 -0.95 -25.94
CA LEU A 199 12.37 0.03 -24.87
C LEU A 199 13.05 -0.56 -23.64
N TYR A 200 13.89 0.24 -23.01
CA TYR A 200 14.57 -0.15 -21.78
C TYR A 200 14.20 0.83 -20.69
N MET A 201 13.79 0.30 -19.54
CA MET A 201 13.31 1.12 -18.45
C MET A 201 13.81 0.54 -17.14
N VAL A 202 14.27 1.42 -16.25
CA VAL A 202 14.83 1.00 -14.96
C VAL A 202 14.80 2.19 -14.02
N SER A 203 14.58 1.91 -12.73
CA SER A 203 14.58 2.92 -11.68
C SER A 203 15.95 2.96 -11.05
N LEU A 204 16.50 4.18 -10.90
CA LEU A 204 17.86 4.37 -10.43
C LEU A 204 17.90 5.36 -9.28
N LYS A 205 18.69 5.03 -8.27
CA LYS A 205 18.95 5.91 -7.14
C LYS A 205 20.47 6.05 -7.03
N LEU A 206 20.99 7.15 -7.56
CA LEU A 206 22.43 7.36 -7.66
C LEU A 206 22.89 8.23 -6.50
N THR A 207 23.92 7.78 -5.80
CA THR A 207 24.43 8.45 -4.60
C THR A 207 25.86 8.89 -4.85
N PHE A 208 26.07 10.21 -4.92
CA PHE A 208 27.42 10.74 -5.01
C PHE A 208 28.02 10.80 -3.61
N ILE A 209 29.22 10.28 -3.46
CA ILE A 209 29.85 10.09 -2.16
C ILE A 209 31.14 10.88 -2.12
N SER A 210 31.24 11.80 -1.17
CA SER A 210 32.44 12.57 -0.86
C SER A 210 32.62 12.56 0.65
N PRO A 211 33.84 12.80 1.13
CA PRO A 211 34.08 12.77 2.58
C PRO A 211 33.17 13.75 3.32
N GLY A 212 32.33 13.20 4.20
CA GLY A 212 31.43 14.01 4.99
C GLY A 212 30.23 14.56 4.26
N GLN A 213 29.93 14.07 3.04
CA GLN A 213 28.76 14.54 2.33
C GLN A 213 28.27 13.46 1.37
N LYS A 214 26.96 13.42 1.15
CA LYS A 214 26.36 12.53 0.17
C LYS A 214 25.20 13.25 -0.49
N VAL A 215 25.12 13.12 -1.81
CA VAL A 215 24.03 13.70 -2.60
C VAL A 215 23.35 12.57 -3.34
N ILE A 216 22.02 12.54 -3.29
CA ILE A 216 21.22 11.45 -3.84
C ILE A 216 20.37 11.99 -4.98
N PHE A 217 20.50 11.37 -6.16
CA PHE A 217 19.69 11.69 -7.33
C PHE A 217 18.89 10.45 -7.71
N SER A 218 17.58 10.61 -7.86
CA SER A 218 16.70 9.53 -8.23
C SER A 218 15.95 9.87 -9.51
N SER A 219 15.84 8.90 -10.39
CA SER A 219 15.09 9.08 -11.64
C SER A 219 14.88 7.72 -12.27
N GLN A 220 14.00 7.68 -13.24
CA GLN A 220 13.76 6.51 -14.06
C GLN A 220 14.38 6.75 -15.42
N ALA A 221 15.22 5.83 -15.87
CA ALA A 221 15.83 5.95 -17.17
C ALA A 221 14.96 5.22 -18.17
N ILE A 222 14.59 5.90 -19.26
CA ILE A 222 13.80 5.31 -20.33
C ILE A 222 14.44 5.66 -21.66
N CYS A 223 14.76 4.65 -22.46
CA CYS A 223 15.29 4.87 -23.79
C CYS A 223 14.68 3.88 -24.76
N ALA A 224 14.34 4.38 -25.94
CA ALA A 224 13.84 3.57 -27.05
C ALA A 224 14.87 3.73 -28.16
N PRO A 225 15.97 2.98 -28.10
CA PRO A 225 16.94 3.03 -29.20
C PRO A 225 16.32 2.44 -30.45
N ASP A 226 16.73 2.97 -31.60
CA ASP A 226 16.23 2.54 -32.89
C ASP A 226 14.70 2.47 -32.96
N PRO A 227 14.01 3.58 -32.74
CA PRO A 227 12.56 3.64 -32.97
C PRO A 227 12.17 4.25 -34.32
N VAL A 228 13.14 4.54 -35.18
CA VAL A 228 12.89 5.44 -36.31
C VAL A 228 12.33 4.66 -37.49
N THR A 229 11.37 5.27 -38.17
CA THR A 229 10.80 4.71 -39.39
C THR A 229 10.45 5.88 -40.29
N CYS A 230 10.75 5.74 -41.58
CA CYS A 230 10.50 6.82 -42.51
C CYS A 230 9.95 6.25 -43.82
N ASN A 231 9.17 7.09 -44.50
CA ASN A 231 8.73 6.81 -45.86
C ASN A 231 8.90 8.11 -46.65
N ALA A 232 8.28 8.18 -47.82
CA ALA A 232 8.49 9.32 -48.70
C ALA A 232 8.13 10.64 -48.02
N THR A 233 7.06 10.64 -47.24
CA THR A 233 6.51 11.90 -46.73
C THR A 233 6.66 12.10 -45.22
N HIS A 234 6.84 11.04 -44.44
CA HIS A 234 6.79 11.16 -42.98
C HIS A 234 7.95 10.41 -42.34
N MET A 235 8.28 10.84 -41.12
CA MET A 235 9.06 10.07 -40.17
C MET A 235 8.13 9.54 -39.09
N THR A 236 8.33 8.28 -38.70
CA THR A 236 7.48 7.65 -37.70
C THR A 236 8.33 7.07 -36.60
N LEU A 237 7.95 7.34 -35.35
CA LEU A 237 8.61 6.80 -34.19
C LEU A 237 7.65 5.82 -33.52
N THR A 238 8.10 4.57 -33.35
CA THR A 238 7.31 3.51 -32.74
C THR A 238 8.00 3.09 -31.45
N ILE A 239 7.23 3.05 -30.36
CA ILE A 239 7.74 2.61 -29.07
C ILE A 239 6.84 1.48 -28.57
N PRO A 240 7.40 0.40 -28.02
CA PRO A 240 6.55 -0.66 -27.48
C PRO A 240 5.61 -0.13 -26.41
N GLU A 241 4.50 -0.86 -26.22
CA GLU A 241 3.55 -0.49 -25.19
C GLU A 241 4.17 -0.68 -23.81
N PHE A 242 3.92 0.27 -22.91
CA PHE A 242 4.47 0.23 -21.57
C PHE A 242 3.64 1.14 -20.68
N PRO A 243 3.84 1.10 -19.35
CA PRO A 243 2.95 1.86 -18.44
C PRO A 243 2.83 3.34 -18.75
N GLY A 244 3.90 4.00 -19.16
CA GLY A 244 3.84 5.42 -19.43
C GLY A 244 3.00 5.73 -20.66
N LYS A 245 2.45 6.94 -20.68
CA LYS A 245 1.68 7.44 -21.81
C LYS A 245 2.12 8.87 -22.13
N LEU A 246 2.22 9.16 -23.42
CA LEU A 246 2.86 10.40 -23.86
C LEU A 246 2.05 11.61 -23.44
N LYS A 247 2.75 12.66 -23.01
CA LYS A 247 2.12 13.90 -22.58
C LYS A 247 2.57 15.11 -23.38
N SER A 248 3.88 15.25 -23.64
CA SER A 248 4.41 16.42 -24.30
C SER A 248 5.48 16.00 -25.30
N VAL A 249 5.72 16.87 -26.27
CA VAL A 249 6.82 16.72 -27.23
C VAL A 249 7.55 18.06 -27.33
N SER A 250 8.87 18.01 -27.37
CA SER A 250 9.70 19.20 -27.50
C SER A 250 10.74 18.97 -28.59
N PHE A 251 10.86 19.93 -29.50
CA PHE A 251 11.86 19.89 -30.56
C PHE A 251 12.00 21.29 -31.12
N GLU A 252 13.23 21.67 -31.46
CA GLU A 252 13.54 23.00 -31.97
C GLU A 252 12.92 24.07 -31.07
N ASN A 253 13.20 23.95 -29.76
CA ASN A 253 12.66 24.77 -28.68
C ASN A 253 11.16 25.08 -28.82
N GLN A 254 10.38 24.07 -29.22
CA GLN A 254 8.93 24.19 -29.33
C GLN A 254 8.29 23.12 -28.46
N ASN A 255 7.47 23.55 -27.50
CA ASN A 255 6.81 22.64 -26.58
C ASN A 255 5.36 22.48 -26.97
N ILE A 256 4.93 21.24 -27.19
CA ILE A 256 3.61 20.90 -27.70
C ILE A 256 3.04 19.79 -26.84
N ASP A 257 1.85 20.03 -26.27
CA ASP A 257 1.16 18.95 -25.59
C ASP A 257 0.55 17.99 -26.60
N VAL A 258 0.10 16.84 -26.12
CA VAL A 258 -0.50 15.84 -27.01
C VAL A 258 -1.71 16.43 -27.72
N SER A 259 -2.57 17.12 -26.96
CA SER A 259 -3.82 17.65 -27.51
C SER A 259 -3.58 18.55 -28.71
N GLN A 260 -2.45 19.24 -28.76
CA GLN A 260 -2.18 20.21 -29.82
C GLN A 260 -1.43 19.59 -31.00
N LEU A 261 -0.96 18.35 -30.87
CA LEU A 261 -0.06 17.79 -31.86
C LEU A 261 -0.66 17.82 -33.27
N HIS A 262 -1.95 17.49 -33.38
CA HIS A 262 -2.57 17.39 -34.70
C HIS A 262 -2.50 18.71 -35.45
N ASP A 263 -2.61 19.84 -34.75
CA ASP A 263 -2.59 21.13 -35.43
C ASP A 263 -1.18 21.59 -35.79
N ASN A 264 -0.18 20.72 -35.67
CA ASN A 264 1.20 21.07 -35.97
C ASN A 264 1.83 20.06 -36.93
N GLY A 265 1.04 19.26 -37.62
CA GLY A 265 1.58 18.27 -38.53
C GLY A 265 2.09 17.02 -37.87
N ILE A 266 1.72 16.78 -36.61
CA ILE A 266 2.12 15.61 -35.86
C ILE A 266 0.85 14.86 -35.44
N ASP A 267 0.78 13.58 -35.77
CA ASP A 267 -0.37 12.76 -35.44
C ASP A 267 0.07 11.56 -34.62
N LEU A 268 -0.71 11.24 -33.58
CA LEU A 268 -0.36 10.21 -32.62
C LEU A 268 -1.43 9.12 -32.58
N GLU A 269 -0.96 7.87 -32.56
CA GLU A 269 -1.80 6.70 -32.36
C GLU A 269 -1.32 6.01 -31.09
N ALA A 270 -2.12 6.09 -30.02
CA ALA A 270 -1.72 5.60 -28.71
C ALA A 270 -2.16 4.16 -28.43
N THR A 271 -2.85 3.51 -29.37
CA THR A 271 -3.33 2.16 -29.16
C THR A 271 -2.22 1.15 -29.45
N ASN A 272 -2.05 0.18 -28.55
CA ASN A 272 -1.06 -0.90 -28.71
C ASN A 272 0.35 -0.34 -28.89
N GLY A 273 0.73 0.57 -27.99
CA GLY A 273 2.00 1.24 -28.06
C GLY A 273 1.92 2.55 -28.83
N MET A 274 3.01 3.32 -28.75
CA MET A 274 3.05 4.66 -29.30
C MET A 274 3.52 4.61 -30.75
N LYS A 275 2.80 5.30 -31.63
CA LYS A 275 3.21 5.50 -33.01
C LYS A 275 3.03 6.97 -33.35
N LEU A 276 4.15 7.68 -33.57
CA LEU A 276 4.16 9.13 -33.71
C LEU A 276 4.68 9.50 -35.09
N HIS A 277 3.89 10.26 -35.84
CA HIS A 277 4.18 10.58 -37.24
C HIS A 277 4.48 12.07 -37.37
N PHE A 278 5.72 12.39 -37.73
CA PHE A 278 6.14 13.76 -37.99
C PHE A 278 6.14 14.00 -39.50
N SER A 279 5.49 15.09 -39.93
CA SER A 279 5.62 15.52 -41.31
C SER A 279 7.04 16.00 -41.60
N LYS A 280 7.55 15.64 -42.77
CA LYS A 280 8.93 15.96 -43.13
C LYS A 280 9.18 17.46 -43.24
N THR A 281 8.14 18.27 -43.46
CA THR A 281 8.32 19.70 -43.58
C THR A 281 8.77 20.37 -42.27
N LEU A 282 8.68 19.67 -41.14
CA LEU A 282 9.17 20.17 -39.86
C LEU A 282 10.60 19.76 -39.56
N LEU A 283 11.19 18.88 -40.37
CA LEU A 283 12.49 18.32 -40.09
C LEU A 283 13.58 19.06 -40.86
N LYS A 284 14.79 19.00 -40.33
CA LYS A 284 15.93 19.54 -41.04
C LYS A 284 16.47 18.50 -42.03
N THR A 285 17.42 18.94 -42.85
CA THR A 285 18.05 18.07 -43.83
C THR A 285 19.56 18.17 -43.67
N LYS A 286 20.25 17.04 -43.80
CA LYS A 286 21.70 17.01 -43.70
C LYS A 286 22.26 15.97 -44.66
N LEU A 287 23.54 16.13 -44.99
CA LEU A 287 24.25 15.22 -45.88
C LEU A 287 25.34 14.54 -45.07
N SER A 288 25.11 13.27 -44.73
CA SER A 288 26.11 12.51 -44.01
C SER A 288 27.27 12.17 -44.93
N GLU A 289 28.47 12.06 -44.37
CA GLU A 289 29.63 11.75 -45.20
C GLU A 289 29.61 10.33 -45.73
N LYS A 290 28.78 9.45 -45.18
CA LYS A 290 28.67 8.08 -45.67
C LYS A 290 27.48 7.90 -46.61
N CYS A 291 26.77 8.98 -46.96
CA CYS A 291 25.55 8.90 -47.75
C CYS A 291 25.66 9.79 -48.99
N LEU A 292 25.13 9.31 -50.11
CA LEU A 292 25.10 10.08 -51.34
C LEU A 292 23.88 10.98 -51.48
N LEU A 293 22.91 10.87 -50.56
CA LEU A 293 21.69 11.65 -50.62
C LEU A 293 21.41 12.25 -49.26
N HIS A 294 20.65 13.34 -49.25
CA HIS A 294 20.27 13.99 -48.00
C HIS A 294 19.40 13.07 -47.14
N GLN A 295 19.48 13.27 -45.82
CA GLN A 295 18.64 12.58 -44.86
C GLN A 295 17.81 13.58 -44.08
N PHE A 296 16.51 13.34 -43.98
CA PHE A 296 15.68 14.14 -43.10
C PHE A 296 15.94 13.70 -41.66
N TYR A 297 15.97 14.68 -40.76
CA TYR A 297 16.33 14.38 -39.36
C TYR A 297 15.83 15.50 -38.47
N LEU A 298 15.86 15.23 -37.16
CA LEU A 298 15.66 16.23 -36.12
C LEU A 298 16.93 16.33 -35.30
N ALA A 299 17.34 17.56 -35.00
CA ALA A 299 18.54 17.77 -34.20
C ALA A 299 18.45 17.04 -32.86
N SER A 300 17.31 17.18 -32.19
CA SER A 300 17.05 16.45 -30.95
C SER A 300 15.55 16.44 -30.72
N LEU A 301 15.04 15.33 -30.17
CA LEU A 301 13.63 15.20 -29.87
C LEU A 301 13.46 14.71 -28.45
N LYS A 302 12.62 15.41 -27.68
CA LYS A 302 12.34 15.07 -26.30
C LYS A 302 10.90 14.58 -26.21
N LEU A 303 10.72 13.37 -25.67
CA LEU A 303 9.40 12.78 -25.47
C LEU A 303 9.14 12.70 -23.97
N THR A 304 8.12 13.41 -23.52
CA THR A 304 7.79 13.47 -22.09
C THR A 304 6.61 12.54 -21.84
N PHE A 305 6.84 11.48 -21.08
CA PHE A 305 5.80 10.52 -20.76
C PHE A 305 5.34 10.70 -19.32
N LEU A 306 4.10 10.30 -19.06
CA LEU A 306 3.52 10.34 -17.74
C LEU A 306 3.30 8.91 -17.26
N LEU A 307 4.01 8.52 -16.21
CA LEU A 307 3.62 7.39 -15.39
C LEU A 307 2.85 7.96 -14.21
N ARG A 308 1.68 7.39 -13.92
CA ARG A 308 0.78 8.01 -12.96
C ARG A 308 1.48 8.50 -11.69
N PRO A 309 2.44 7.78 -11.10
CA PRO A 309 3.21 8.40 -10.01
C PRO A 309 4.05 9.60 -10.44
N GLU A 310 4.79 9.50 -11.55
CA GLU A 310 5.79 10.51 -11.89
C GLU A 310 5.92 10.71 -13.39
N THR A 311 6.47 11.86 -13.75
CA THR A 311 6.73 12.23 -15.14
C THR A 311 8.20 11.99 -15.49
N VAL A 312 8.42 11.33 -16.64
CA VAL A 312 9.75 10.99 -17.12
C VAL A 312 9.89 11.45 -18.56
N SER A 313 11.12 11.74 -18.97
CA SER A 313 11.40 12.23 -20.31
C SER A 313 12.58 11.49 -20.90
N MET A 314 12.55 11.31 -22.22
CA MET A 314 13.68 10.78 -22.97
C MET A 314 13.99 11.69 -24.15
N VAL A 315 15.27 11.80 -24.46
CA VAL A 315 15.74 12.62 -25.56
C VAL A 315 16.38 11.69 -26.59
N ILE A 316 15.87 11.73 -27.82
CA ILE A 316 16.37 10.90 -28.90
C ILE A 316 16.88 11.79 -30.03
N TYR A 317 17.62 11.17 -30.94
CA TYR A 317 18.24 11.86 -32.07
C TYR A 317 17.88 11.08 -33.32
N PRO A 318 16.66 11.28 -33.83
CA PRO A 318 16.15 10.44 -34.92
C PRO A 318 16.49 10.99 -36.30
N GLU A 319 16.82 10.07 -37.20
CA GLU A 319 17.05 10.42 -38.60
C GLU A 319 16.55 9.30 -39.49
N CYS A 320 15.99 9.67 -40.64
CA CYS A 320 15.64 8.69 -41.64
C CYS A 320 16.90 7.99 -42.13
N LEU A 321 16.74 6.72 -42.51
CA LEU A 321 17.89 5.93 -42.97
C LEU A 321 18.39 6.46 -44.31
N CYS A 322 19.71 6.35 -44.50
CA CYS A 322 20.30 6.71 -45.78
C CYS A 322 19.77 5.80 -46.88
N GLU A 323 19.44 6.39 -48.03
CA GLU A 323 18.92 5.59 -49.13
C GLU A 323 20.03 4.85 -49.87
N SER A 324 21.07 5.56 -50.31
CA SER A 324 22.15 4.96 -51.08
C SER A 324 23.47 5.35 -50.43
N PRO A 325 24.26 4.37 -49.98
CA PRO A 325 25.55 4.68 -49.36
C PRO A 325 26.63 5.01 -50.38
N VAL A 326 27.74 5.52 -49.85
CA VAL A 326 28.93 5.77 -50.66
C VAL A 326 29.68 4.46 -50.83
N SER A 327 30.01 4.11 -52.07
CA SER A 327 30.78 2.93 -52.38
C SER A 327 32.01 3.32 -53.17
N LEU A 328 33.15 2.71 -52.82
CA LEU A 328 34.42 3.07 -53.43
C LEU A 328 34.99 1.93 -54.27
N PHE B 11 -12.20 -21.21 33.10
CA PHE B 11 -11.99 -21.44 31.68
C PHE B 11 -10.51 -21.76 31.40
N PRO B 12 -10.25 -22.94 30.84
CA PRO B 12 -8.85 -23.37 30.66
C PRO B 12 -8.12 -22.66 29.53
N GLY B 13 -8.84 -22.10 28.56
CA GLY B 13 -8.21 -21.44 27.44
C GLY B 13 -7.81 -20.02 27.77
N THR B 14 -7.52 -19.26 26.72
CA THR B 14 -7.08 -17.88 26.86
C THR B 14 -7.98 -16.97 26.05
N VAL B 15 -8.23 -15.77 26.58
CA VAL B 15 -9.06 -14.77 25.94
C VAL B 15 -8.22 -13.53 25.70
N THR B 16 -8.38 -12.92 24.52
CA THR B 16 -7.69 -11.68 24.19
C THR B 16 -8.73 -10.61 23.90
N CYS B 17 -8.61 -9.47 24.58
CA CYS B 17 -9.48 -8.33 24.38
C CYS B 17 -8.74 -7.26 23.60
N ASP B 18 -9.31 -6.85 22.48
CA ASP B 18 -8.75 -5.81 21.62
C ASP B 18 -9.73 -4.65 21.59
N GLU B 19 -9.34 -3.56 20.90
CA GLU B 19 -10.23 -2.42 20.78
C GLU B 19 -11.51 -2.78 20.02
N ARG B 20 -11.42 -3.74 19.10
CA ARG B 20 -12.53 -4.08 18.22
C ARG B 20 -13.10 -5.46 18.47
N GLU B 21 -12.26 -6.44 18.80
CA GLU B 21 -12.67 -7.83 18.84
C GLU B 21 -12.19 -8.54 20.09
N ILE B 22 -12.79 -9.69 20.34
CA ILE B 22 -12.39 -10.60 21.41
C ILE B 22 -11.98 -11.91 20.75
N THR B 23 -10.90 -12.50 21.22
CA THR B 23 -10.40 -13.76 20.67
C THR B 23 -10.32 -14.79 21.79
N VAL B 24 -10.92 -15.95 21.56
CA VAL B 24 -10.93 -17.04 22.53
C VAL B 24 -10.09 -18.16 21.97
N GLU B 25 -9.01 -18.52 22.66
CA GLU B 25 -8.15 -19.62 22.26
C GLU B 25 -8.37 -20.80 23.19
N PHE B 26 -8.45 -22.01 22.62
CA PHE B 26 -8.73 -23.23 23.36
C PHE B 26 -7.49 -24.10 23.52
N PRO B 27 -7.41 -24.87 24.60
CA PRO B 27 -6.27 -25.76 24.80
C PRO B 27 -6.34 -27.00 23.92
N SER B 28 -5.19 -27.67 23.79
CA SER B 28 -5.07 -28.86 22.96
C SER B 28 -5.74 -30.06 23.61
N HIS B 36 -16.48 -28.12 19.56
CA HIS B 36 -17.44 -27.27 18.87
C HIS B 36 -18.10 -26.25 19.79
N ALA B 37 -18.04 -24.97 19.40
CA ALA B 37 -18.46 -23.86 20.24
C ALA B 37 -19.29 -22.87 19.42
N SER B 38 -20.12 -22.12 20.13
CA SER B 38 -21.02 -21.14 19.52
C SER B 38 -21.07 -19.90 20.40
N VAL B 39 -21.55 -18.80 19.81
CA VAL B 39 -21.73 -17.55 20.53
C VAL B 39 -23.22 -17.36 20.82
N VAL B 40 -23.55 -17.12 22.09
CA VAL B 40 -24.92 -17.04 22.56
C VAL B 40 -25.04 -15.90 23.57
N ASP B 41 -26.28 -15.58 23.91
CA ASP B 41 -26.59 -14.62 24.97
C ASP B 41 -26.55 -15.32 26.32
N PRO B 42 -26.65 -14.59 27.43
CA PRO B 42 -26.56 -15.26 28.74
C PRO B 42 -27.61 -16.34 28.93
N LEU B 43 -28.77 -16.21 28.30
CA LEU B 43 -29.79 -17.25 28.39
C LEU B 43 -29.48 -18.47 27.51
N GLY B 44 -28.60 -18.34 26.52
CA GLY B 44 -28.22 -19.46 25.67
C GLY B 44 -28.78 -19.44 24.26
N LEU B 45 -29.40 -18.34 23.83
CA LEU B 45 -29.98 -18.27 22.50
C LEU B 45 -28.99 -17.66 21.51
N ASP B 46 -28.96 -18.20 20.30
CA ASP B 46 -28.08 -17.67 19.26
C ASP B 46 -28.37 -16.19 19.02
N MET B 47 -27.32 -15.38 19.00
CA MET B 47 -27.50 -13.98 18.68
C MET B 47 -27.72 -13.83 17.18
N PRO B 48 -28.80 -13.16 16.76
CA PRO B 48 -29.11 -13.15 15.32
C PRO B 48 -28.08 -12.43 14.48
N ASN B 49 -27.61 -11.27 14.92
CA ASN B 49 -26.71 -10.44 14.13
C ASN B 49 -25.24 -10.69 14.42
N CYS B 50 -24.92 -11.69 15.24
CA CYS B 50 -23.54 -11.99 15.55
C CYS B 50 -22.92 -12.87 14.47
N THR B 51 -21.85 -12.38 13.85
CA THR B 51 -21.03 -13.18 12.96
C THR B 51 -19.66 -13.36 13.60
N TYR B 52 -19.24 -14.62 13.74
CA TYR B 52 -17.94 -14.94 14.31
C TYR B 52 -17.16 -15.85 13.37
N ILE B 53 -15.87 -15.96 13.64
CA ILE B 53 -14.93 -16.68 12.79
C ILE B 53 -14.27 -17.78 13.61
N LEU B 54 -14.25 -19.00 13.06
CA LEU B 54 -13.59 -20.14 13.68
C LEU B 54 -12.35 -20.52 12.88
N ASP B 55 -11.27 -20.86 13.60
CA ASP B 55 -10.01 -21.29 12.99
C ASP B 55 -9.67 -22.65 13.59
N PRO B 56 -10.05 -23.74 12.91
CA PRO B 56 -9.76 -25.07 13.46
C PRO B 56 -8.28 -25.35 13.64
N GLU B 57 -7.41 -24.80 12.80
CA GLU B 57 -5.98 -25.03 12.99
C GLU B 57 -5.48 -24.36 14.27
N LYS B 58 -5.84 -23.09 14.47
CA LYS B 58 -5.39 -22.36 15.66
C LYS B 58 -6.34 -22.51 16.84
N LEU B 59 -7.50 -23.14 16.63
CA LEU B 59 -8.46 -23.43 17.71
C LEU B 59 -8.90 -22.14 18.42
N THR B 60 -9.39 -21.18 17.64
CA THR B 60 -9.77 -19.88 18.18
C THR B 60 -11.13 -19.45 17.65
N LEU B 61 -11.79 -18.60 18.44
CA LEU B 61 -13.03 -17.94 18.04
C LEU B 61 -12.83 -16.43 18.19
N ARG B 62 -13.13 -15.70 17.12
CA ARG B 62 -12.92 -14.26 17.06
C ARG B 62 -14.24 -13.59 16.72
N ALA B 63 -14.56 -12.51 17.41
CA ALA B 63 -15.80 -11.79 17.18
C ALA B 63 -15.63 -10.33 17.56
N THR B 64 -16.33 -9.45 16.85
CA THR B 64 -16.36 -8.05 17.21
C THR B 64 -17.37 -7.85 18.33
N TYR B 65 -17.14 -6.82 19.14
CA TYR B 65 -18.05 -6.56 20.26
C TYR B 65 -19.46 -6.24 19.78
N ASP B 66 -19.58 -5.43 18.74
CA ASP B 66 -20.90 -5.11 18.20
C ASP B 66 -21.61 -6.37 17.74
N ASN B 67 -22.88 -6.52 18.16
CA ASN B 67 -23.80 -7.54 17.68
C ASN B 67 -23.46 -8.94 18.20
N CYS B 68 -22.32 -9.10 18.88
CA CYS B 68 -21.90 -10.40 19.40
C CYS B 68 -21.75 -10.41 20.91
N THR B 69 -21.89 -9.28 21.57
CA THR B 69 -21.76 -9.19 23.02
C THR B 69 -22.82 -8.23 23.53
N ARG B 70 -23.10 -8.30 24.82
CA ARG B 70 -24.02 -7.37 25.46
C ARG B 70 -23.21 -6.31 26.19
N ARG B 71 -23.60 -5.05 26.01
CA ARG B 71 -22.92 -3.95 26.68
C ARG B 71 -23.26 -3.97 28.16
N VAL B 72 -22.24 -4.07 29.01
CA VAL B 72 -22.41 -4.06 30.45
C VAL B 72 -21.64 -2.87 31.01
N HIS B 73 -21.78 -2.65 32.31
CA HIS B 73 -21.14 -1.50 32.93
C HIS B 73 -19.63 -1.59 32.79
N GLY B 74 -19.05 -0.64 32.04
CA GLY B 74 -17.61 -0.57 31.89
C GLY B 74 -16.98 -1.55 30.93
N GLY B 75 -17.73 -2.10 29.99
CA GLY B 75 -17.12 -3.00 29.01
C GLY B 75 -18.16 -3.79 28.24
N HIS B 76 -17.71 -4.93 27.69
CA HIS B 76 -18.56 -5.83 26.94
C HIS B 76 -18.40 -7.24 27.50
N GLN B 77 -19.50 -8.00 27.46
CA GLN B 77 -19.50 -9.37 27.96
C GLN B 77 -19.94 -10.29 26.84
N MET B 78 -19.16 -11.35 26.60
CA MET B 78 -19.52 -12.36 25.62
C MET B 78 -19.79 -13.68 26.34
N THR B 79 -20.81 -14.38 25.85
CA THR B 79 -21.15 -15.70 26.35
C THR B 79 -21.00 -16.70 25.20
N ILE B 80 -20.44 -17.87 25.51
CA ILE B 80 -20.26 -18.92 24.52
C ILE B 80 -20.88 -20.21 25.04
N ARG B 81 -21.24 -21.09 24.08
CA ARG B 81 -21.82 -22.39 24.37
C ARG B 81 -20.90 -23.46 23.80
N VAL B 82 -20.57 -24.45 24.62
CA VAL B 82 -19.69 -25.52 24.20
C VAL B 82 -20.43 -26.84 24.34
N MET B 83 -20.34 -27.68 23.32
CA MET B 83 -21.00 -28.97 23.33
C MET B 83 -20.11 -30.08 22.77
N ALA B 93 -23.53 -27.75 26.03
CA ALA B 93 -23.37 -28.32 27.37
C ALA B 93 -22.93 -27.27 28.39
N VAL B 94 -21.66 -26.87 28.31
CA VAL B 94 -21.08 -25.89 29.23
C VAL B 94 -21.18 -24.50 28.62
N MET B 95 -21.32 -23.49 29.49
CA MET B 95 -21.37 -22.09 29.08
C MET B 95 -20.31 -21.31 29.83
N TYR B 96 -19.68 -20.36 29.14
CA TYR B 96 -18.69 -19.48 29.73
C TYR B 96 -19.04 -18.03 29.42
N GLN B 97 -18.52 -17.14 30.25
CA GLN B 97 -18.69 -15.70 30.04
C GLN B 97 -17.34 -15.01 30.15
N PHE B 98 -17.13 -14.01 29.30
CA PHE B 98 -15.89 -13.26 29.26
C PHE B 98 -16.20 -11.77 29.30
N PHE B 99 -15.32 -11.02 29.97
CA PHE B 99 -15.46 -9.58 30.09
C PHE B 99 -14.25 -8.92 29.44
N CYS B 100 -14.51 -7.87 28.66
CA CYS B 100 -13.46 -7.09 28.01
C CYS B 100 -13.67 -5.62 28.39
N PRO B 101 -12.67 -4.95 28.97
CA PRO B 101 -12.85 -3.54 29.34
C PRO B 101 -13.02 -2.67 28.11
N ALA B 102 -13.85 -1.63 28.25
CA ALA B 102 -13.99 -0.59 27.25
C ALA B 102 -13.07 0.59 27.59
N MET B 103 -12.30 1.04 26.61
CA MET B 103 -11.33 2.11 26.83
C MET B 103 -10.72 2.60 25.51
N SER B 114 -6.84 9.51 25.09
CA SER B 114 -6.18 10.79 25.21
C SER B 114 -4.84 10.67 25.91
N THR B 115 -3.87 11.49 25.50
CA THR B 115 -2.53 11.48 26.06
C THR B 115 -2.43 12.58 27.10
N ILE B 116 -1.92 12.24 28.28
CA ILE B 116 -1.72 13.21 29.35
C ILE B 116 -0.34 13.80 29.14
N CYS B 117 -0.30 15.09 28.80
CA CYS B 117 0.93 15.75 28.38
C CYS B 117 1.38 16.69 29.48
N GLN B 118 2.57 16.41 30.04
CA GLN B 118 3.16 17.25 31.07
C GLN B 118 4.55 17.64 30.62
N LYS B 119 5.12 18.65 31.31
CA LYS B 119 6.36 19.24 30.87
C LYS B 119 7.51 18.25 30.84
N ASP B 120 7.43 17.17 31.63
CA ASP B 120 8.56 16.25 31.78
C ASP B 120 8.36 14.88 31.15
N PHE B 121 7.14 14.48 30.83
CA PHE B 121 6.88 13.13 30.32
C PHE B 121 5.44 13.05 29.84
N MET B 122 5.11 11.90 29.25
CA MET B 122 3.77 11.56 28.81
C MET B 122 3.25 10.43 29.68
N SER B 123 1.93 10.28 29.70
CA SER B 123 1.32 9.21 30.47
C SER B 123 -0.04 8.90 29.88
N PHE B 124 -0.55 7.72 30.24
CA PHE B 124 -1.88 7.28 29.83
C PHE B 124 -2.68 6.92 31.09
N SER B 125 -3.98 7.21 31.07
CA SER B 125 -4.86 6.86 32.18
C SER B 125 -5.83 5.77 31.72
N LEU B 126 -5.72 4.59 32.33
CA LEU B 126 -6.42 3.40 31.90
C LEU B 126 -7.17 2.74 33.04
N PRO B 127 -8.41 2.30 32.81
CA PRO B 127 -9.12 1.53 33.84
C PRO B 127 -8.41 0.22 34.17
N ARG B 128 -8.53 -0.20 35.43
CA ARG B 128 -8.06 -1.48 35.93
C ARG B 128 -8.58 -2.67 35.12
N VAL B 129 -7.68 -3.32 34.38
CA VAL B 129 -8.03 -4.49 33.56
C VAL B 129 -8.11 -5.81 34.29
N PHE B 130 -7.83 -5.85 35.60
CA PHE B 130 -7.78 -7.11 36.36
C PHE B 130 -6.75 -8.08 35.77
N MET B 144 0.35 -9.81 38.23
CA MET B 144 0.03 -9.52 36.84
C MET B 144 1.18 -8.78 36.13
N GLY B 145 1.19 -8.90 34.81
CA GLY B 145 2.32 -8.47 34.01
C GLY B 145 1.87 -7.69 32.79
N TRP B 146 2.83 -7.06 32.10
CA TRP B 146 2.51 -6.30 30.91
C TRP B 146 3.71 -6.27 29.98
N SER B 147 3.44 -5.97 28.71
CA SER B 147 4.48 -5.82 27.70
C SER B 147 4.09 -4.67 26.78
N ILE B 148 5.11 -4.00 26.24
CA ILE B 148 4.91 -2.83 25.40
C ILE B 148 5.57 -3.05 24.06
N GLU B 149 4.89 -2.64 22.99
CA GLU B 149 5.43 -2.67 21.64
C GLU B 149 5.54 -1.23 21.14
N VAL B 150 6.73 -0.84 20.72
CA VAL B 150 7.02 0.54 20.32
C VAL B 150 7.32 0.58 18.82
N GLY B 151 6.63 1.47 18.11
CA GLY B 151 6.93 1.73 16.71
C GLY B 151 5.87 1.18 15.78
N ASP B 152 6.22 1.18 14.49
CA ASP B 152 5.30 0.77 13.43
C ASP B 152 6.03 -0.14 12.45
N GLY B 153 5.42 -1.31 12.18
CA GLY B 153 5.94 -2.19 11.15
C GLY B 153 7.35 -2.66 11.44
N ALA B 154 8.27 -2.35 10.51
CA ALA B 154 9.65 -2.80 10.65
C ALA B 154 10.31 -2.21 11.89
N ARG B 155 10.14 -0.90 12.10
CA ARG B 155 10.71 -0.27 13.29
C ARG B 155 10.09 -0.78 14.58
N ALA B 156 8.92 -1.41 14.52
CA ALA B 156 8.26 -1.90 15.72
C ALA B 156 9.13 -2.90 16.45
N LYS B 157 9.26 -2.71 17.76
CA LYS B 157 10.04 -3.58 18.62
C LYS B 157 9.23 -3.87 19.87
N THR B 158 9.52 -5.00 20.49
CA THR B 158 8.80 -5.45 21.68
C THR B 158 9.76 -5.51 22.86
N LEU B 159 9.25 -5.16 24.04
CA LEU B 159 10.05 -5.09 25.25
C LEU B 159 9.34 -5.84 26.38
N THR B 160 10.12 -6.55 27.18
CA THR B 160 9.63 -7.15 28.41
C THR B 160 9.75 -6.15 29.54
N LEU B 161 9.08 -6.44 30.65
CA LEU B 161 9.15 -5.59 31.84
C LEU B 161 10.58 -5.15 32.19
N PRO B 162 11.60 -6.04 32.25
CA PRO B 162 12.96 -5.57 32.54
C PRO B 162 13.42 -4.46 31.61
N GLU B 163 13.44 -4.73 30.31
CA GLU B 163 13.95 -3.75 29.35
C GLU B 163 13.08 -2.50 29.30
N ALA B 164 11.76 -2.67 29.34
CA ALA B 164 10.86 -1.52 29.27
C ALA B 164 11.05 -0.60 30.46
N MET B 165 11.08 -1.17 31.67
CA MET B 165 11.36 -0.36 32.86
C MET B 165 12.76 0.24 32.80
N LYS B 166 13.72 -0.50 32.22
CA LYS B 166 15.07 0.03 32.03
C LYS B 166 15.06 1.26 31.13
N GLU B 167 14.09 1.36 30.22
CA GLU B 167 14.02 2.51 29.34
C GLU B 167 13.19 3.66 29.91
N GLY B 168 12.54 3.44 31.05
CA GLY B 168 11.76 4.49 31.69
C GLY B 168 10.27 4.25 31.75
N PHE B 169 9.76 3.19 31.12
CA PHE B 169 8.34 2.92 31.17
C PHE B 169 7.95 2.40 32.55
N SER B 170 6.71 2.67 32.94
CA SER B 170 6.22 2.23 34.24
C SER B 170 4.70 2.13 34.19
N LEU B 171 4.16 1.25 35.04
CA LEU B 171 2.71 1.11 35.18
C LEU B 171 2.39 1.14 36.66
N LEU B 172 1.64 2.15 37.09
CA LEU B 172 1.25 2.32 38.49
C LEU B 172 -0.23 1.98 38.57
N ILE B 173 -0.53 0.86 39.24
CA ILE B 173 -1.90 0.38 39.38
C ILE B 173 -2.44 0.99 40.66
N ASP B 174 -2.95 2.21 40.57
CA ASP B 174 -3.69 2.78 41.69
C ASP B 174 -5.13 2.29 41.68
N ASN B 175 -5.88 2.67 42.71
CA ASN B 175 -7.28 2.30 42.78
C ASN B 175 -8.10 3.18 41.84
N HIS B 176 -9.08 2.56 41.19
CA HIS B 176 -10.00 3.10 40.18
C HIS B 176 -9.42 3.31 38.78
N ARG B 177 -8.09 3.30 38.62
CA ARG B 177 -7.45 3.60 37.33
C ARG B 177 -5.99 3.14 37.37
N MET B 178 -5.36 3.13 36.19
CA MET B 178 -3.96 2.82 36.03
C MET B 178 -3.25 3.95 35.29
N THR B 179 -1.95 4.07 35.49
CA THR B 179 -1.14 5.10 34.84
C THR B 179 0.07 4.45 34.19
N PHE B 180 0.21 4.62 32.87
CA PHE B 180 1.34 4.11 32.11
C PHE B 180 2.21 5.30 31.71
N HIS B 181 3.47 5.27 32.13
CA HIS B 181 4.37 6.40 32.02
C HIS B 181 5.26 6.24 30.79
N VAL B 182 5.24 7.23 29.90
CA VAL B 182 5.99 7.18 28.66
C VAL B 182 7.01 8.31 28.63
N PRO B 183 8.31 8.01 28.75
CA PRO B 183 9.31 9.06 28.71
C PRO B 183 9.51 9.62 27.30
N PHE B 184 9.83 10.92 27.24
CA PHE B 184 10.03 11.58 25.96
C PHE B 184 11.17 10.95 25.17
N ASN B 185 12.16 10.39 25.87
CA ASN B 185 13.41 9.94 25.26
C ASN B 185 13.51 8.42 25.16
N ALA B 186 12.36 7.74 25.13
CA ALA B 186 12.38 6.30 24.85
C ALA B 186 12.70 6.07 23.38
N THR B 187 13.44 5.00 23.11
CA THR B 187 13.80 4.69 21.73
C THR B 187 12.54 4.52 20.89
N GLY B 188 12.55 5.11 19.70
CA GLY B 188 11.42 5.04 18.80
C GLY B 188 10.48 6.22 18.84
N VAL B 189 10.71 7.18 19.73
CA VAL B 189 9.87 8.37 19.79
C VAL B 189 10.33 9.37 18.74
N THR B 190 9.40 9.86 17.92
CA THR B 190 9.71 10.92 16.98
C THR B 190 9.69 12.26 17.70
N HIS B 191 10.76 13.03 17.53
CA HIS B 191 10.96 14.29 18.24
C HIS B 191 10.95 15.43 17.23
N TYR B 192 9.86 16.20 17.21
CA TYR B 192 9.75 17.38 16.38
C TYR B 192 10.17 18.62 17.16
N VAL B 193 10.78 19.58 16.45
CA VAL B 193 11.20 20.84 17.04
C VAL B 193 10.88 21.96 16.05
N GLN B 194 10.31 23.05 16.56
CA GLN B 194 10.05 24.26 15.77
C GLN B 194 10.26 25.46 16.68
N GLY B 195 11.34 26.21 16.45
CA GLY B 195 11.68 27.29 17.33
C GLY B 195 12.05 26.74 18.69
N ASN B 196 11.29 27.09 19.71
CA ASN B 196 11.48 26.55 21.04
C ASN B 196 10.44 25.52 21.43
N SER B 197 9.39 25.33 20.63
CA SER B 197 8.37 24.33 20.92
C SER B 197 8.81 22.95 20.47
N HIS B 198 8.47 21.94 21.28
CA HIS B 198 8.81 20.55 21.01
C HIS B 198 7.53 19.72 20.96
N LEU B 199 7.60 18.62 20.21
CA LEU B 199 6.52 17.64 20.15
C LEU B 199 7.12 16.25 20.10
N TYR B 200 6.56 15.33 20.90
CA TYR B 200 7.02 13.95 20.95
C TYR B 200 5.87 13.04 20.55
N MET B 201 6.15 12.09 19.66
CA MET B 201 5.12 11.21 19.14
C MET B 201 5.66 9.79 19.03
N VAL B 202 4.83 8.83 19.40
CA VAL B 202 5.23 7.42 19.36
C VAL B 202 3.96 6.58 19.36
N SER B 203 4.02 5.46 18.64
CA SER B 203 2.92 4.50 18.59
C SER B 203 3.21 3.38 19.58
N LEU B 204 2.23 3.06 20.42
CA LEU B 204 2.40 2.09 21.50
C LEU B 204 1.27 1.07 21.46
N LYS B 205 1.63 -0.20 21.66
CA LYS B 205 0.67 -1.29 21.76
C LYS B 205 0.97 -2.01 23.07
N LEU B 206 0.18 -1.71 24.10
CA LEU B 206 0.42 -2.21 25.45
C LEU B 206 -0.49 -3.40 25.72
N THR B 207 0.11 -4.50 26.18
CA THR B 207 -0.61 -5.75 26.40
C THR B 207 -0.57 -6.10 27.87
N PHE B 208 -1.72 -6.02 28.54
CA PHE B 208 -1.85 -6.46 29.91
C PHE B 208 -2.09 -7.97 29.95
N ILE B 209 -1.33 -8.67 30.79
CA ILE B 209 -1.37 -10.13 30.85
C ILE B 209 -1.78 -10.56 32.25
N SER B 210 -2.81 -11.38 32.32
CA SER B 210 -3.31 -12.04 33.53
C SER B 210 -3.47 -13.51 33.20
N PRO B 211 -3.52 -14.39 34.22
CA PRO B 211 -3.62 -15.83 33.93
C PRO B 211 -4.81 -16.17 33.04
N GLY B 212 -4.52 -16.69 31.85
CA GLY B 212 -5.55 -17.09 30.93
C GLY B 212 -6.27 -15.96 30.23
N GLN B 213 -5.76 -14.73 30.32
CA GLN B 213 -6.39 -13.61 29.64
C GLN B 213 -5.35 -12.53 29.38
N LYS B 214 -5.53 -11.79 28.29
CA LYS B 214 -4.69 -10.63 28.01
C LYS B 214 -5.54 -9.54 27.36
N VAL B 215 -5.26 -8.30 27.73
CA VAL B 215 -5.97 -7.14 27.20
C VAL B 215 -4.97 -6.26 26.45
N ILE B 216 -5.35 -5.83 25.25
CA ILE B 216 -4.47 -5.07 24.36
C ILE B 216 -5.07 -3.68 24.18
N PHE B 217 -4.28 -2.66 24.52
CA PHE B 217 -4.66 -1.27 24.28
C PHE B 217 -3.63 -0.64 23.37
N SER B 218 -4.10 -0.02 22.30
CA SER B 218 -3.23 0.64 21.32
C SER B 218 -3.61 2.10 21.21
N SER B 219 -2.59 2.96 21.13
CA SER B 219 -2.79 4.38 20.91
C SER B 219 -1.45 5.00 20.55
N GLN B 220 -1.53 6.22 20.01
CA GLN B 220 -0.35 7.03 19.72
C GLN B 220 -0.25 8.11 20.77
N ALA B 221 0.92 8.22 21.39
CA ALA B 221 1.15 9.24 22.41
C ALA B 221 1.72 10.48 21.76
N ILE B 222 1.09 11.62 22.04
CA ILE B 222 1.55 12.92 21.53
C ILE B 222 1.54 13.92 22.67
N CYS B 223 2.68 14.56 22.90
CA CYS B 223 2.77 15.59 23.92
C CYS B 223 3.61 16.74 23.40
N ALA B 224 3.13 17.95 23.65
CA ALA B 224 3.82 19.20 23.34
C ALA B 224 4.10 19.89 24.67
N PRO B 225 5.15 19.47 25.39
CA PRO B 225 5.50 20.17 26.64
C PRO B 225 5.96 21.58 26.33
N ASP B 226 5.65 22.50 27.24
CA ASP B 226 6.00 23.91 27.10
C ASP B 226 5.61 24.50 25.74
N PRO B 227 4.33 24.51 25.38
CA PRO B 227 3.89 25.21 24.17
C PRO B 227 3.29 26.60 24.40
N VAL B 228 3.33 27.11 25.62
CA VAL B 228 2.52 28.26 26.00
C VAL B 228 3.25 29.57 25.73
N THR B 229 2.48 30.56 25.27
CA THR B 229 2.91 31.93 25.10
C THR B 229 1.72 32.81 25.39
N CYS B 230 1.94 33.94 26.06
CA CYS B 230 0.84 34.83 26.41
C CYS B 230 1.26 36.28 26.17
N ASN B 231 0.27 37.12 25.92
CA ASN B 231 0.47 38.57 25.90
C ASN B 231 -0.73 39.19 26.62
N ALA B 232 -0.93 40.50 26.42
CA ALA B 232 -1.95 41.22 27.18
C ALA B 232 -3.35 40.62 26.96
N THR B 233 -3.67 40.23 25.73
CA THR B 233 -5.04 39.86 25.38
C THR B 233 -5.24 38.39 25.08
N HIS B 234 -4.20 37.64 24.75
CA HIS B 234 -4.39 36.27 24.28
C HIS B 234 -3.39 35.33 24.94
N MET B 235 -3.77 34.05 24.96
CA MET B 235 -2.85 32.96 25.18
C MET B 235 -2.63 32.27 23.84
N THR B 236 -1.39 31.89 23.56
CA THR B 236 -1.07 31.23 22.30
C THR B 236 -0.37 29.90 22.56
N LEU B 237 -0.81 28.87 21.86
CA LEU B 237 -0.18 27.55 21.90
C LEU B 237 0.41 27.26 20.53
N THR B 238 1.71 26.96 20.49
CA THR B 238 2.40 26.62 19.25
C THR B 238 2.92 25.19 19.32
N ILE B 239 2.63 24.41 18.29
CA ILE B 239 3.11 23.03 18.18
C ILE B 239 3.81 22.87 16.83
N PRO B 240 4.95 22.19 16.78
CA PRO B 240 5.62 21.98 15.48
C PRO B 240 4.71 21.27 14.49
N GLU B 241 5.01 21.47 13.21
CA GLU B 241 4.25 20.81 12.17
C GLU B 241 4.50 19.31 12.25
N PHE B 242 3.44 18.53 12.06
CA PHE B 242 3.52 17.08 12.13
C PHE B 242 2.31 16.50 11.41
N PRO B 243 2.24 15.17 11.22
CA PRO B 243 1.16 14.61 10.38
C PRO B 243 -0.24 15.00 10.80
N GLY B 244 -0.51 15.07 12.10
CA GLY B 244 -1.85 15.39 12.55
C GLY B 244 -2.24 16.83 12.27
N LYS B 245 -3.55 17.05 12.14
CA LYS B 245 -4.11 18.38 11.97
C LYS B 245 -5.31 18.53 12.90
N LEU B 246 -5.43 19.70 13.51
CA LEU B 246 -6.38 19.90 14.60
C LEU B 246 -7.82 19.82 14.11
N LYS B 247 -8.67 19.20 14.93
CA LYS B 247 -10.10 19.09 14.64
C LYS B 247 -10.99 19.67 15.72
N SER B 248 -10.68 19.44 16.99
CA SER B 248 -11.55 19.86 18.09
C SER B 248 -10.72 20.42 19.23
N VAL B 249 -11.39 21.23 20.05
CA VAL B 249 -10.85 21.74 21.30
C VAL B 249 -11.89 21.51 22.40
N SER B 250 -11.45 21.09 23.58
CA SER B 250 -12.35 20.85 24.70
C SER B 250 -11.79 21.50 25.96
N PHE B 251 -12.64 22.26 26.66
CA PHE B 251 -12.28 22.88 27.93
C PHE B 251 -13.56 23.39 28.60
N GLU B 252 -13.65 23.25 29.93
CA GLU B 252 -14.81 23.69 30.71
C GLU B 252 -16.13 23.20 30.12
N ASN B 253 -16.22 21.87 29.94
CA ASN B 253 -17.32 21.17 29.28
C ASN B 253 -17.79 21.88 28.01
N GLN B 254 -16.84 22.39 27.23
CA GLN B 254 -17.14 23.06 25.97
C GLN B 254 -16.34 22.37 24.88
N ASN B 255 -17.03 21.78 23.90
CA ASN B 255 -16.40 21.12 22.76
C ASN B 255 -16.62 21.96 21.52
N ILE B 256 -15.53 22.32 20.85
CA ILE B 256 -15.57 23.26 19.73
C ILE B 256 -14.76 22.69 18.57
N ASP B 257 -15.40 22.51 17.42
CA ASP B 257 -14.70 22.12 16.21
C ASP B 257 -13.93 23.31 15.63
N VAL B 258 -13.05 23.01 14.67
CA VAL B 258 -12.23 24.06 14.06
C VAL B 258 -13.12 25.14 13.45
N SER B 259 -14.15 24.73 12.71
CA SER B 259 -15.01 25.69 12.02
C SER B 259 -15.64 26.69 12.99
N GLN B 260 -15.87 26.28 14.23
CA GLN B 260 -16.52 27.15 15.20
C GLN B 260 -15.54 27.94 16.06
N LEU B 261 -14.23 27.66 15.96
CA LEU B 261 -13.29 28.23 16.91
C LEU B 261 -13.34 29.76 16.91
N HIS B 262 -13.35 30.37 15.72
CA HIS B 262 -13.31 31.83 15.69
C HIS B 262 -14.51 32.44 16.37
N ASP B 263 -15.67 31.80 16.29
CA ASP B 263 -16.86 32.38 16.88
C ASP B 263 -16.90 32.18 18.39
N ASN B 264 -15.81 31.70 18.97
CA ASN B 264 -15.71 31.50 20.42
C ASN B 264 -14.43 32.12 20.97
N GLY B 265 -13.82 33.04 20.25
CA GLY B 265 -12.60 33.67 20.74
C GLY B 265 -11.34 32.83 20.59
N ILE B 266 -11.37 31.81 19.75
CA ILE B 266 -10.21 30.95 19.51
C ILE B 266 -9.86 31.02 18.03
N ASP B 267 -8.60 31.32 17.73
CA ASP B 267 -8.16 31.46 16.35
C ASP B 267 -7.00 30.51 16.07
N LEU B 268 -7.04 29.88 14.90
CA LEU B 268 -6.07 28.86 14.51
C LEU B 268 -5.35 29.25 13.23
N GLU B 269 -4.03 29.06 13.23
CA GLU B 269 -3.20 29.16 12.03
C GLU B 269 -2.58 27.78 11.82
N ALA B 270 -3.06 27.06 10.81
CA ALA B 270 -2.64 25.68 10.59
C ALA B 270 -1.48 25.56 9.61
N THR B 271 -0.98 26.68 9.08
CA THR B 271 0.13 26.63 8.16
C THR B 271 1.43 26.57 8.96
N ASN B 272 2.31 25.65 8.57
CA ASN B 272 3.63 25.50 9.18
C ASN B 272 3.52 25.21 10.68
N GLY B 273 2.67 24.24 11.02
CA GLY B 273 2.41 23.90 12.39
C GLY B 273 1.23 24.66 12.98
N MET B 274 0.82 24.24 14.16
CA MET B 274 -0.37 24.77 14.81
C MET B 274 -0.03 25.99 15.64
N LYS B 275 -0.78 27.06 15.45
CA LYS B 275 -0.69 28.25 16.30
C LYS B 275 -2.12 28.62 16.68
N LEU B 276 -2.42 28.48 17.97
CA LEU B 276 -3.78 28.56 18.48
C LEU B 276 -3.85 29.68 19.50
N HIS B 277 -4.76 30.64 19.26
CA HIS B 277 -4.86 31.86 20.05
C HIS B 277 -6.17 31.85 20.83
N PHE B 278 -6.07 31.81 22.15
CA PHE B 278 -7.22 31.90 23.03
C PHE B 278 -7.35 33.32 23.55
N SER B 279 -8.54 33.90 23.42
CA SER B 279 -8.85 35.14 24.11
C SER B 279 -8.80 34.89 25.61
N LYS B 280 -8.22 35.84 26.35
CA LYS B 280 -8.12 35.67 27.79
C LYS B 280 -9.48 35.61 28.46
N THR B 281 -10.52 36.16 27.83
CA THR B 281 -11.86 36.13 28.40
C THR B 281 -12.39 34.71 28.55
N LEU B 282 -11.74 33.73 27.93
CA LEU B 282 -12.10 32.33 28.09
C LEU B 282 -11.34 31.65 29.22
N LEU B 283 -10.34 32.31 29.80
CA LEU B 283 -9.46 31.68 30.77
C LEU B 283 -9.84 32.03 32.20
N LYS B 284 -9.49 31.14 33.12
CA LYS B 284 -9.59 31.38 34.55
C LYS B 284 -8.34 32.08 35.07
N THR B 285 -8.39 32.49 36.35
CA THR B 285 -7.27 33.14 37.01
C THR B 285 -6.99 32.48 38.34
N LYS B 286 -5.71 32.36 38.69
CA LYS B 286 -5.28 31.79 39.96
C LYS B 286 -4.06 32.56 40.46
N LEU B 287 -3.80 32.45 41.76
CA LEU B 287 -2.70 33.13 42.43
C LEU B 287 -1.71 32.09 42.97
N SER B 288 -0.59 31.93 42.27
CA SER B 288 0.44 31.01 42.72
C SER B 288 1.20 31.58 43.92
N GLU B 289 1.71 30.68 44.76
CA GLU B 289 2.44 31.13 45.93
C GLU B 289 3.78 31.75 45.58
N LYS B 290 4.28 31.53 44.36
CA LYS B 290 5.53 32.13 43.92
C LYS B 290 5.32 33.37 43.08
N CYS B 291 4.09 33.86 42.96
CA CYS B 291 3.79 34.99 42.09
C CYS B 291 3.07 36.07 42.87
N LEU B 292 3.40 37.32 42.57
CA LEU B 292 2.75 38.49 43.18
C LEU B 292 1.50 38.92 42.44
N LEU B 293 1.21 38.33 41.29
CA LEU B 293 0.06 38.70 40.47
C LEU B 293 -0.70 37.45 40.05
N HIS B 294 -1.97 37.63 39.72
CA HIS B 294 -2.77 36.54 39.21
C HIS B 294 -2.19 36.06 37.88
N GLN B 295 -2.39 34.78 37.59
CA GLN B 295 -1.98 34.19 36.31
C GLN B 295 -3.20 33.64 35.62
N PHE B 296 -3.34 33.96 34.33
CA PHE B 296 -4.38 33.35 33.51
C PHE B 296 -3.98 31.93 33.13
N TYR B 297 -4.96 31.03 33.13
CA TYR B 297 -4.70 29.62 32.88
C TYR B 297 -5.98 28.93 32.46
N LEU B 298 -5.82 27.70 31.96
CA LEU B 298 -6.92 26.79 31.74
C LEU B 298 -6.69 25.58 32.64
N ALA B 299 -7.74 25.14 33.34
CA ALA B 299 -7.62 23.99 34.22
C ALA B 299 -7.10 22.78 33.45
N SER B 300 -7.67 22.54 32.28
CA SER B 300 -7.24 21.46 31.39
C SER B 300 -7.68 21.81 29.98
N LEU B 301 -6.83 21.49 29.02
CA LEU B 301 -7.14 21.73 27.62
C LEU B 301 -6.86 20.46 26.83
N LYS B 302 -7.84 20.03 26.06
CA LYS B 302 -7.76 18.84 25.24
C LYS B 302 -7.72 19.28 23.78
N LEU B 303 -6.69 18.87 23.07
CA LEU B 303 -6.54 19.14 21.65
C LEU B 303 -6.67 17.82 20.92
N THR B 304 -7.67 17.72 20.05
CA THR B 304 -7.93 16.50 19.29
C THR B 304 -7.48 16.70 17.84
N PHE B 305 -6.48 15.93 17.42
CA PHE B 305 -5.94 15.96 16.07
C PHE B 305 -6.42 14.75 15.28
N LEU B 306 -6.46 14.90 13.97
CA LEU B 306 -6.80 13.80 13.07
C LEU B 306 -5.58 13.44 12.24
N LEU B 307 -5.05 12.24 12.48
CA LEU B 307 -4.22 11.52 11.52
C LEU B 307 -5.13 10.48 10.88
N ARG B 308 -5.21 10.45 9.56
CA ARG B 308 -6.20 9.56 8.94
C ARG B 308 -6.13 8.13 9.46
N PRO B 309 -4.97 7.53 9.75
CA PRO B 309 -4.99 6.21 10.40
C PRO B 309 -5.76 6.19 11.73
N GLU B 310 -5.56 7.15 12.62
CA GLU B 310 -6.21 7.12 13.92
C GLU B 310 -6.46 8.54 14.40
N THR B 311 -7.45 8.70 15.27
CA THR B 311 -7.75 9.98 15.89
C THR B 311 -7.09 10.02 17.25
N VAL B 312 -6.33 11.08 17.51
CA VAL B 312 -5.55 11.17 18.74
C VAL B 312 -5.80 12.50 19.43
N SER B 313 -5.67 12.49 20.76
CA SER B 313 -5.90 13.66 21.58
C SER B 313 -4.78 13.78 22.62
N MET B 314 -4.45 15.02 22.97
CA MET B 314 -3.55 15.30 24.08
C MET B 314 -4.21 16.29 25.02
N VAL B 315 -3.95 16.11 26.31
CA VAL B 315 -4.51 16.97 27.35
C VAL B 315 -3.34 17.70 28.00
N ILE B 316 -3.40 19.03 27.98
CA ILE B 316 -2.36 19.87 28.54
C ILE B 316 -2.94 20.76 29.63
N TYR B 317 -2.04 21.38 30.39
CA TYR B 317 -2.39 22.20 31.54
C TYR B 317 -1.68 23.53 31.36
N PRO B 318 -2.20 24.39 30.49
CA PRO B 318 -1.47 25.61 30.12
C PRO B 318 -1.76 26.77 31.05
N GLU B 319 -0.71 27.52 31.38
CA GLU B 319 -0.89 28.73 32.16
C GLU B 319 0.09 29.78 31.67
N CYS B 320 -0.35 31.04 31.67
CA CYS B 320 0.56 32.13 31.36
C CYS B 320 1.65 32.20 32.42
N LEU B 321 2.83 32.64 32.01
CA LEU B 321 3.95 32.73 32.92
C LEU B 321 3.74 33.84 33.94
N CYS B 322 4.23 33.61 35.16
CA CYS B 322 4.18 34.64 36.19
C CYS B 322 5.06 35.82 35.79
N GLU B 323 4.59 37.02 36.13
CA GLU B 323 5.35 38.22 35.81
C GLU B 323 6.54 38.41 36.74
N SER B 324 6.28 38.46 38.05
CA SER B 324 7.33 38.76 39.04
C SER B 324 7.27 37.76 40.19
N PRO B 325 8.36 37.07 40.50
CA PRO B 325 8.36 36.18 41.67
C PRO B 325 8.43 36.99 42.95
N VAL B 326 8.26 36.30 44.07
CA VAL B 326 8.34 36.95 45.38
C VAL B 326 9.81 37.15 45.73
N SER B 327 10.15 38.37 46.16
CA SER B 327 11.52 38.75 46.49
C SER B 327 11.72 38.67 47.99
N LEU B 328 12.71 37.89 48.41
CA LEU B 328 13.01 37.73 49.84
C LEU B 328 14.42 38.21 50.17
N PHE C 11 10.63 -28.62 -27.75
CA PHE C 11 11.18 -27.43 -27.10
C PHE C 11 11.78 -27.76 -25.72
N PRO C 12 13.08 -27.47 -25.55
CA PRO C 12 13.77 -27.89 -24.33
C PRO C 12 13.41 -27.08 -23.09
N GLY C 13 12.88 -25.87 -23.24
CA GLY C 13 12.56 -25.03 -22.10
C GLY C 13 11.22 -25.37 -21.47
N THR C 14 10.72 -24.43 -20.68
CA THR C 14 9.46 -24.58 -19.95
C THR C 14 8.55 -23.40 -20.29
N VAL C 15 7.25 -23.69 -20.38
CA VAL C 15 6.24 -22.68 -20.68
C VAL C 15 5.25 -22.64 -19.53
N THR C 16 4.84 -21.43 -19.14
CA THR C 16 3.83 -21.25 -18.12
C THR C 16 2.67 -20.46 -18.70
N CYS C 17 1.47 -20.99 -18.58
CA CYS C 17 0.25 -20.33 -19.03
C CYS C 17 -0.45 -19.75 -17.80
N ASP C 18 -0.73 -18.46 -17.85
CA ASP C 18 -1.38 -17.74 -16.77
C ASP C 18 -2.75 -17.26 -17.24
N GLU C 19 -3.49 -16.65 -16.32
CA GLU C 19 -4.81 -16.14 -16.67
C GLU C 19 -4.74 -15.05 -17.73
N ARG C 20 -3.65 -14.27 -17.73
CA ARG C 20 -3.50 -13.13 -18.63
C ARG C 20 -2.37 -13.27 -19.63
N GLU C 21 -1.24 -13.86 -19.24
CA GLU C 21 -0.06 -13.84 -20.09
C GLU C 21 0.61 -15.21 -20.10
N ILE C 22 1.51 -15.39 -21.07
CA ILE C 22 2.27 -16.62 -21.23
C ILE C 22 3.75 -16.32 -21.02
N THR C 23 4.45 -17.22 -20.34
CA THR C 23 5.87 -17.06 -20.07
C THR C 23 6.64 -18.26 -20.62
N VAL C 24 7.69 -17.98 -21.39
CA VAL C 24 8.57 -18.98 -21.98
C VAL C 24 9.94 -18.84 -21.34
N GLU C 25 10.42 -19.90 -20.70
CA GLU C 25 11.74 -19.92 -20.08
C GLU C 25 12.69 -20.78 -20.91
N PHE C 26 13.92 -20.30 -21.10
CA PHE C 26 14.92 -20.99 -21.89
C PHE C 26 15.98 -21.63 -20.99
N PRO C 27 16.59 -22.73 -21.42
CA PRO C 27 17.64 -23.35 -20.62
C PRO C 27 18.96 -22.59 -20.68
N SER C 28 19.83 -22.88 -19.73
CA SER C 28 21.12 -22.21 -19.63
C SER C 28 22.09 -22.69 -20.70
N LYS C 34 23.41 -19.35 -25.64
CA LYS C 34 22.94 -17.96 -25.70
C LYS C 34 21.77 -17.82 -26.67
N TRP C 35 20.56 -17.89 -26.14
CA TRP C 35 19.35 -17.82 -26.95
C TRP C 35 19.06 -16.38 -27.36
N HIS C 36 18.41 -16.24 -28.52
CA HIS C 36 17.82 -14.98 -28.94
C HIS C 36 16.47 -15.31 -29.55
N ALA C 37 15.41 -14.64 -29.08
CA ALA C 37 14.06 -15.04 -29.43
C ALA C 37 13.20 -13.84 -29.79
N SER C 38 12.17 -14.11 -30.60
CA SER C 38 11.24 -13.11 -31.09
C SER C 38 9.84 -13.74 -31.11
N VAL C 39 8.82 -12.88 -31.14
CA VAL C 39 7.44 -13.33 -31.22
C VAL C 39 6.94 -13.06 -32.64
N VAL C 40 6.39 -14.10 -33.28
CA VAL C 40 5.96 -14.03 -34.68
C VAL C 40 4.66 -14.81 -34.84
N ASP C 41 4.02 -14.61 -35.98
CA ASP C 41 2.86 -15.39 -36.38
C ASP C 41 3.33 -16.67 -37.08
N PRO C 42 2.41 -17.60 -37.38
CA PRO C 42 2.85 -18.85 -38.02
C PRO C 42 3.60 -18.64 -39.32
N LEU C 43 3.34 -17.53 -40.03
CA LEU C 43 4.06 -17.27 -41.26
C LEU C 43 5.49 -16.83 -41.01
N GLY C 44 5.80 -16.35 -39.81
CA GLY C 44 7.14 -15.92 -39.47
C GLY C 44 7.35 -14.43 -39.41
N LEU C 45 6.28 -13.63 -39.52
CA LEU C 45 6.37 -12.18 -39.52
C LEU C 45 6.14 -11.63 -38.13
N ASP C 46 6.87 -10.57 -37.79
CA ASP C 46 6.69 -9.89 -36.50
C ASP C 46 5.25 -9.42 -36.36
N MET C 47 4.65 -9.70 -35.21
CA MET C 47 3.29 -9.20 -34.96
C MET C 47 3.36 -7.72 -34.62
N PRO C 48 2.61 -6.87 -35.33
CA PRO C 48 2.76 -5.42 -35.11
C PRO C 48 2.30 -4.96 -33.73
N ASN C 49 1.17 -5.45 -33.26
CA ASN C 49 0.57 -4.97 -32.02
C ASN C 49 1.04 -5.75 -30.79
N CYS C 50 1.95 -6.71 -30.97
CA CYS C 50 2.45 -7.53 -29.88
C CYS C 50 3.60 -6.84 -29.17
N THR C 51 3.44 -6.60 -27.87
CA THR C 51 4.52 -6.15 -27.02
C THR C 51 4.87 -7.27 -26.05
N TYR C 52 6.13 -7.66 -26.03
CA TYR C 52 6.58 -8.70 -25.12
C TYR C 52 7.79 -8.20 -24.33
N ILE C 53 8.11 -8.91 -23.26
CA ILE C 53 9.15 -8.51 -22.32
C ILE C 53 10.20 -9.61 -22.23
N LEU C 54 11.47 -9.23 -22.36
CA LEU C 54 12.60 -10.14 -22.26
C LEU C 54 13.37 -9.86 -20.97
N ASP C 55 13.80 -10.93 -20.31
CA ASP C 55 14.59 -10.85 -19.08
C ASP C 55 15.86 -11.68 -19.29
N PRO C 56 16.95 -11.05 -19.70
CA PRO C 56 18.19 -11.82 -19.94
C PRO C 56 18.72 -12.53 -18.70
N GLU C 57 18.50 -11.96 -17.51
CA GLU C 57 18.95 -12.61 -16.28
C GLU C 57 18.19 -13.90 -16.02
N LYS C 58 16.85 -13.86 -16.12
CA LYS C 58 16.01 -15.02 -15.88
C LYS C 58 15.78 -15.88 -17.11
N LEU C 59 16.25 -15.46 -18.29
CA LEU C 59 16.14 -16.21 -19.53
C LEU C 59 14.69 -16.51 -19.88
N THR C 60 13.86 -15.47 -19.90
CA THR C 60 12.43 -15.63 -20.12
C THR C 60 11.89 -14.61 -21.12
N LEU C 61 10.82 -15.02 -21.81
CA LEU C 61 10.05 -14.14 -22.69
C LEU C 61 8.60 -14.15 -22.21
N ARG C 62 8.03 -12.97 -22.00
CA ARG C 62 6.69 -12.83 -21.45
C ARG C 62 5.83 -12.00 -22.38
N ALA C 63 4.61 -12.45 -22.65
CA ALA C 63 3.70 -11.77 -23.55
C ALA C 63 2.27 -12.06 -23.14
N THR C 64 1.40 -11.08 -23.34
CA THR C 64 -0.03 -11.25 -23.08
C THR C 64 -0.70 -11.94 -24.25
N TYR C 65 -1.82 -12.62 -23.97
CA TYR C 65 -2.56 -13.30 -25.03
C TYR C 65 -3.07 -12.31 -26.07
N ASP C 66 -3.61 -11.18 -25.62
CA ASP C 66 -4.04 -10.14 -26.54
C ASP C 66 -2.85 -9.66 -27.37
N ASN C 67 -3.07 -9.56 -28.68
CA ASN C 67 -2.17 -8.94 -29.63
C ASN C 67 -0.91 -9.77 -29.92
N CYS C 68 -0.70 -10.86 -29.18
CA CYS C 68 0.50 -11.67 -29.34
C CYS C 68 0.23 -13.12 -29.72
N THR C 69 -1.03 -13.54 -29.81
CA THR C 69 -1.37 -14.91 -30.14
C THR C 69 -2.58 -14.90 -31.07
N ARG C 70 -2.77 -16.04 -31.76
CA ARG C 70 -3.96 -16.24 -32.58
C ARG C 70 -4.94 -17.11 -31.80
N ARG C 71 -6.21 -16.73 -31.82
CA ARG C 71 -7.23 -17.46 -31.10
C ARG C 71 -7.51 -18.79 -31.80
N VAL C 72 -7.35 -19.90 -31.08
CA VAL C 72 -7.66 -21.22 -31.60
C VAL C 72 -8.74 -21.84 -30.71
N HIS C 73 -9.24 -23.02 -31.13
CA HIS C 73 -10.32 -23.67 -30.40
C HIS C 73 -9.87 -24.05 -28.98
N GLY C 74 -10.49 -23.43 -27.99
CA GLY C 74 -10.21 -23.78 -26.61
C GLY C 74 -8.91 -23.24 -26.04
N GLY C 75 -8.35 -22.20 -26.65
CA GLY C 75 -7.13 -21.63 -26.12
C GLY C 75 -6.49 -20.65 -27.09
N HIS C 76 -5.20 -20.44 -26.91
CA HIS C 76 -4.41 -19.53 -27.73
C HIS C 76 -3.15 -20.22 -28.22
N GLN C 77 -2.67 -19.80 -29.39
CA GLN C 77 -1.44 -20.32 -29.96
C GLN C 77 -0.45 -19.18 -30.15
N MET C 78 0.75 -19.33 -29.61
CA MET C 78 1.83 -18.39 -29.81
C MET C 78 2.97 -19.08 -30.54
N THR C 79 3.60 -18.35 -31.46
CA THR C 79 4.75 -18.83 -32.21
C THR C 79 5.93 -17.90 -31.94
N ILE C 80 7.12 -18.48 -31.75
CA ILE C 80 8.32 -17.70 -31.52
C ILE C 80 9.39 -18.13 -32.52
N ARG C 81 10.31 -17.21 -32.79
CA ARG C 81 11.42 -17.44 -33.71
C ARG C 81 12.74 -17.29 -32.97
N VAL C 82 13.63 -18.27 -33.13
CA VAL C 82 14.91 -18.33 -32.42
C VAL C 82 16.05 -18.40 -33.42
N MET C 83 17.16 -17.71 -33.11
CA MET C 83 18.35 -17.73 -33.96
C MET C 83 19.60 -17.91 -33.11
N ALA C 93 17.12 -20.01 -37.04
CA ALA C 93 16.18 -20.29 -38.11
C ALA C 93 15.13 -21.29 -37.65
N VAL C 94 15.12 -21.60 -36.34
CA VAL C 94 14.18 -22.55 -35.76
C VAL C 94 12.98 -21.79 -35.23
N MET C 95 11.81 -22.42 -35.31
CA MET C 95 10.56 -21.87 -34.81
C MET C 95 9.86 -22.88 -33.89
N TYR C 96 9.20 -22.36 -32.86
CA TYR C 96 8.43 -23.17 -31.93
C TYR C 96 7.01 -22.63 -31.83
N GLN C 97 6.08 -23.50 -31.43
CA GLN C 97 4.69 -23.13 -31.23
C GLN C 97 4.23 -23.62 -29.87
N PHE C 98 3.43 -22.80 -29.18
CA PHE C 98 2.94 -23.12 -27.86
C PHE C 98 1.43 -22.93 -27.78
N PHE C 99 0.78 -23.78 -26.98
CA PHE C 99 -0.66 -23.72 -26.76
C PHE C 99 -0.95 -23.47 -25.29
N CYS C 100 -1.89 -22.56 -25.03
CA CYS C 100 -2.34 -22.26 -23.67
C CYS C 100 -3.86 -22.39 -23.61
N PRO C 101 -4.41 -23.22 -22.72
CA PRO C 101 -5.86 -23.36 -22.64
C PRO C 101 -6.55 -22.07 -22.16
N ALA C 102 -7.76 -21.87 -22.68
CA ALA C 102 -8.63 -20.76 -22.28
C ALA C 102 -9.49 -21.17 -21.10
N MET C 103 -9.58 -20.29 -20.11
CA MET C 103 -10.28 -20.63 -18.88
C MET C 103 -11.19 -19.49 -18.41
N SER C 114 -17.42 -18.85 -11.30
CA SER C 114 -18.52 -19.17 -10.39
C SER C 114 -18.18 -20.38 -9.53
N THR C 115 -18.60 -20.35 -8.26
CA THR C 115 -18.34 -21.44 -7.33
C THR C 115 -19.58 -22.32 -7.20
N ILE C 116 -19.40 -23.63 -7.36
CA ILE C 116 -20.48 -24.60 -7.21
C ILE C 116 -20.53 -25.06 -5.76
N CYS C 117 -21.62 -24.73 -5.08
CA CYS C 117 -21.75 -24.93 -3.64
C CYS C 117 -22.73 -26.04 -3.34
N GLN C 118 -22.25 -27.06 -2.62
CA GLN C 118 -23.08 -28.17 -2.17
C GLN C 118 -22.91 -28.32 -0.67
N LYS C 119 -23.83 -29.08 -0.05
CA LYS C 119 -23.87 -29.18 1.41
C LYS C 119 -22.60 -29.76 2.00
N ASP C 120 -21.83 -30.53 1.23
CA ASP C 120 -20.70 -31.25 1.78
C ASP C 120 -19.33 -30.71 1.35
N PHE C 121 -19.26 -29.91 0.28
CA PHE C 121 -17.98 -29.47 -0.26
C PHE C 121 -18.24 -28.41 -1.32
N MET C 122 -17.14 -27.84 -1.83
CA MET C 122 -17.13 -26.88 -2.93
C MET C 122 -16.51 -27.51 -4.16
N SER C 123 -16.79 -26.92 -5.32
CA SER C 123 -16.23 -27.43 -6.55
C SER C 123 -16.10 -26.32 -7.58
N PHE C 124 -15.21 -26.55 -8.54
CA PHE C 124 -14.96 -25.68 -9.68
C PHE C 124 -15.01 -26.49 -10.97
N SER C 125 -15.45 -25.84 -12.04
CA SER C 125 -15.55 -26.46 -13.36
C SER C 125 -14.46 -25.88 -14.27
N LEU C 126 -13.54 -26.72 -14.70
CA LEU C 126 -12.33 -26.30 -15.41
C LEU C 126 -12.22 -27.08 -16.71
N PRO C 127 -12.64 -26.50 -17.83
CA PRO C 127 -12.53 -27.19 -19.13
C PRO C 127 -11.10 -27.40 -19.62
N ARG C 128 -10.92 -28.51 -20.32
CA ARG C 128 -9.79 -28.74 -21.25
C ARG C 128 -8.42 -28.64 -20.58
N VAL C 129 -8.18 -29.53 -19.60
CA VAL C 129 -6.90 -29.69 -18.91
C VAL C 129 -6.12 -28.37 -18.75
N GLY C 145 -0.32 -34.92 -12.27
CA GLY C 145 0.25 -34.18 -11.15
C GLY C 145 -0.15 -32.73 -11.12
N TRP C 146 -0.30 -32.19 -9.91
CA TRP C 146 -0.71 -30.82 -9.72
C TRP C 146 -0.29 -30.37 -8.33
N SER C 147 -0.31 -29.04 -8.13
CA SER C 147 -0.03 -28.45 -6.83
C SER C 147 -1.00 -27.29 -6.61
N ILE C 148 -1.34 -27.05 -5.35
CA ILE C 148 -2.36 -26.07 -4.98
C ILE C 148 -1.76 -25.10 -3.97
N GLU C 149 -2.08 -23.82 -4.13
CA GLU C 149 -1.67 -22.78 -3.20
C GLU C 149 -2.91 -22.23 -2.50
N VAL C 150 -2.93 -22.31 -1.17
CA VAL C 150 -4.08 -21.93 -0.36
C VAL C 150 -3.72 -20.73 0.50
N GLY C 151 -4.54 -19.68 0.44
CA GLY C 151 -4.39 -18.54 1.32
C GLY C 151 -3.88 -17.31 0.58
N ASP C 152 -3.47 -16.32 1.37
CA ASP C 152 -3.02 -15.02 0.85
C ASP C 152 -1.75 -14.58 1.57
N GLY C 153 -0.74 -14.21 0.78
CA GLY C 153 0.46 -13.63 1.34
C GLY C 153 1.19 -14.55 2.30
N ALA C 154 1.38 -14.08 3.54
CA ALA C 154 2.14 -14.85 4.52
C ALA C 154 1.46 -16.18 4.83
N ARG C 155 0.15 -16.15 5.07
CA ARG C 155 -0.59 -17.38 5.35
C ARG C 155 -0.62 -18.32 4.16
N ALA C 156 -0.36 -17.82 2.94
CA ALA C 156 -0.41 -18.68 1.76
C ALA C 156 0.56 -19.84 1.91
N LYS C 157 0.08 -21.04 1.60
CA LYS C 157 0.89 -22.24 1.67
C LYS C 157 0.63 -23.07 0.42
N THR C 158 1.63 -23.87 0.04
CA THR C 158 1.58 -24.67 -1.18
C THR C 158 1.61 -26.14 -0.81
N LEU C 159 0.88 -26.96 -1.57
CA LEU C 159 0.74 -28.38 -1.30
C LEU C 159 1.00 -29.18 -2.57
N THR C 160 1.68 -30.31 -2.41
CA THR C 160 1.83 -31.29 -3.47
C THR C 160 0.65 -32.23 -3.46
N LEU C 161 0.50 -33.00 -4.54
CA LEU C 161 -0.57 -33.98 -4.63
C LEU C 161 -0.71 -34.83 -3.37
N PRO C 162 0.36 -35.43 -2.79
CA PRO C 162 0.19 -36.21 -1.57
C PRO C 162 -0.50 -35.45 -0.45
N GLU C 163 0.07 -34.32 -0.04
CA GLU C 163 -0.47 -33.58 1.09
C GLU C 163 -1.85 -32.99 0.76
N ALA C 164 -2.02 -32.48 -0.46
CA ALA C 164 -3.30 -31.88 -0.83
C ALA C 164 -4.42 -32.91 -0.82
N MET C 165 -4.19 -34.08 -1.44
CA MET C 165 -5.18 -35.15 -1.39
C MET C 165 -5.39 -35.65 0.04
N LYS C 166 -4.31 -35.68 0.83
CA LYS C 166 -4.42 -36.06 2.25
C LYS C 166 -5.29 -35.07 3.02
N GLU C 167 -5.41 -33.84 2.54
CA GLU C 167 -6.26 -32.84 3.18
C GLU C 167 -7.69 -32.86 2.66
N GLY C 168 -7.96 -33.65 1.62
CA GLY C 168 -9.30 -33.77 1.06
C GLY C 168 -9.46 -33.22 -0.34
N PHE C 169 -8.44 -32.60 -0.91
CA PHE C 169 -8.55 -32.06 -2.26
C PHE C 169 -8.51 -33.19 -3.28
N SER C 170 -9.15 -32.96 -4.42
CA SER C 170 -9.19 -33.95 -5.48
C SER C 170 -9.39 -33.27 -6.82
N LEU C 171 -8.93 -33.93 -7.88
CA LEU C 171 -9.11 -33.46 -9.25
C LEU C 171 -9.67 -34.59 -10.09
N LEU C 172 -10.86 -34.37 -10.66
CA LEU C 172 -11.53 -35.37 -11.48
C LEU C 172 -11.42 -34.96 -12.94
N ILE C 173 -10.60 -35.70 -13.70
CA ILE C 173 -10.41 -35.42 -15.13
C ILE C 173 -11.42 -36.29 -15.86
N ASP C 174 -12.65 -35.78 -15.95
CA ASP C 174 -13.61 -36.42 -16.83
C ASP C 174 -13.42 -35.90 -18.26
N ASN C 175 -14.16 -36.50 -19.19
CA ASN C 175 -14.08 -36.04 -20.56
C ASN C 175 -14.88 -34.75 -20.71
N HIS C 176 -14.32 -33.83 -21.50
CA HIS C 176 -14.78 -32.47 -21.82
C HIS C 176 -14.54 -31.43 -20.72
N ARG C 177 -14.25 -31.83 -19.47
CA ARG C 177 -14.15 -30.88 -18.36
C ARG C 177 -13.41 -31.51 -17.20
N MET C 178 -13.04 -30.66 -16.24
CA MET C 178 -12.45 -31.07 -14.98
C MET C 178 -13.27 -30.49 -13.84
N THR C 179 -13.23 -31.16 -12.69
CA THR C 179 -13.94 -30.74 -11.50
C THR C 179 -12.98 -30.81 -10.32
N PHE C 180 -12.80 -29.68 -9.62
CA PHE C 180 -11.87 -29.60 -8.50
C PHE C 180 -12.65 -29.55 -7.19
N HIS C 181 -12.41 -30.52 -6.32
CA HIS C 181 -13.18 -30.72 -5.10
C HIS C 181 -12.45 -30.07 -3.93
N VAL C 182 -13.14 -29.15 -3.25
CA VAL C 182 -12.54 -28.39 -2.15
C VAL C 182 -13.30 -28.67 -0.86
N PRO C 183 -12.68 -29.34 0.12
CA PRO C 183 -13.38 -29.62 1.37
C PRO C 183 -13.57 -28.37 2.21
N PHE C 184 -14.68 -28.34 2.94
CA PHE C 184 -14.98 -27.20 3.82
C PHE C 184 -13.94 -27.04 4.91
N ASN C 185 -13.30 -28.12 5.34
CA ASN C 185 -12.43 -28.07 6.50
C ASN C 185 -10.95 -28.13 6.14
N ALA C 186 -10.59 -27.76 4.92
CA ALA C 186 -9.18 -27.71 4.55
C ALA C 186 -8.50 -26.54 5.25
N THR C 187 -7.22 -26.75 5.62
CA THR C 187 -6.46 -25.71 6.30
C THR C 187 -6.37 -24.45 5.43
N GLY C 188 -6.57 -23.31 6.07
CA GLY C 188 -6.52 -22.02 5.39
C GLY C 188 -7.87 -21.47 4.97
N VAL C 189 -8.95 -22.21 5.19
CA VAL C 189 -10.29 -21.74 4.84
C VAL C 189 -10.84 -20.87 5.96
N THR C 190 -11.31 -19.67 5.61
CA THR C 190 -11.99 -18.82 6.59
C THR C 190 -13.42 -19.31 6.78
N HIS C 191 -13.81 -19.48 8.03
CA HIS C 191 -15.11 -20.06 8.39
C HIS C 191 -15.92 -19.00 9.13
N TYR C 192 -16.91 -18.42 8.45
CA TYR C 192 -17.85 -17.51 9.08
C TYR C 192 -19.08 -18.25 9.56
N VAL C 193 -19.65 -17.80 10.67
CA VAL C 193 -20.84 -18.42 11.26
C VAL C 193 -21.77 -17.30 11.72
N GLN C 194 -23.06 -17.46 11.44
CA GLN C 194 -24.10 -16.56 11.94
C GLN C 194 -25.31 -17.41 12.27
N GLY C 195 -25.59 -17.60 13.57
CA GLY C 195 -26.63 -18.50 13.97
C GLY C 195 -26.28 -19.93 13.59
N ASN C 196 -27.10 -20.56 12.74
CA ASN C 196 -26.81 -21.91 12.26
C ASN C 196 -26.33 -21.95 10.82
N SER C 197 -26.37 -20.84 10.10
CA SER C 197 -25.85 -20.80 8.73
C SER C 197 -24.34 -20.62 8.76
N HIS C 198 -23.65 -21.28 7.84
CA HIS C 198 -22.20 -21.23 7.77
C HIS C 198 -21.79 -20.67 6.41
N LEU C 199 -20.57 -20.13 6.35
CA LEU C 199 -19.95 -19.66 5.11
C LEU C 199 -18.49 -20.07 5.11
N TYR C 200 -18.03 -20.60 3.98
CA TYR C 200 -16.65 -21.02 3.81
C TYR C 200 -16.02 -20.27 2.64
N MET C 201 -14.85 -19.69 2.85
CA MET C 201 -14.19 -18.85 1.87
C MET C 201 -12.69 -19.14 1.87
N VAL C 202 -12.11 -19.23 0.69
CA VAL C 202 -10.68 -19.54 0.57
C VAL C 202 -10.19 -19.10 -0.81
N SER C 203 -8.94 -18.63 -0.85
CA SER C 203 -8.28 -18.24 -2.08
C SER C 203 -7.39 -19.38 -2.56
N LEU C 204 -7.51 -19.73 -3.85
CA LEU C 204 -6.81 -20.89 -4.40
C LEU C 204 -6.09 -20.54 -5.70
N LYS C 205 -4.86 -21.03 -5.83
CA LYS C 205 -4.07 -20.91 -7.05
C LYS C 205 -3.59 -22.32 -7.43
N LEU C 206 -4.26 -22.93 -8.41
CA LEU C 206 -4.01 -24.32 -8.79
C LEU C 206 -3.09 -24.36 -10.01
N THR C 207 -2.04 -25.17 -9.92
CA THR C 207 -1.01 -25.26 -10.96
C THR C 207 -0.99 -26.66 -11.54
N PHE C 208 -1.43 -26.80 -12.78
CA PHE C 208 -1.31 -28.07 -13.49
C PHE C 208 0.08 -28.19 -14.08
N ILE C 209 0.75 -29.30 -13.82
CA ILE C 209 2.14 -29.49 -14.21
C ILE C 209 2.22 -30.69 -15.15
N SER C 210 2.76 -30.46 -16.32
CA SER C 210 3.08 -31.47 -17.31
C SER C 210 4.50 -31.20 -17.78
N PRO C 211 5.17 -32.19 -18.35
CA PRO C 211 6.58 -31.98 -18.77
C PRO C 211 6.69 -30.80 -19.73
N GLY C 212 7.44 -29.79 -19.31
CA GLY C 212 7.66 -28.61 -20.11
C GLY C 212 6.52 -27.63 -20.18
N GLN C 213 5.52 -27.75 -19.31
CA GLN C 213 4.39 -26.83 -19.34
C GLN C 213 3.79 -26.71 -17.94
N LYS C 214 3.22 -25.54 -17.68
CA LYS C 214 2.47 -25.29 -16.45
C LYS C 214 1.26 -24.43 -16.79
N VAL C 215 0.12 -24.79 -16.22
CA VAL C 215 -1.11 -24.00 -16.35
C VAL C 215 -1.52 -23.58 -14.95
N ILE C 216 -1.79 -22.30 -14.78
CA ILE C 216 -2.13 -21.74 -13.47
C ILE C 216 -3.54 -21.18 -13.51
N PHE C 217 -4.40 -21.67 -12.62
CA PHE C 217 -5.74 -21.16 -12.45
C PHE C 217 -5.91 -20.64 -11.04
N SER C 218 -6.41 -19.42 -10.91
CA SER C 218 -6.64 -18.79 -9.61
C SER C 218 -8.09 -18.37 -9.46
N SER C 219 -8.66 -18.58 -8.28
CA SER C 219 -10.01 -18.13 -7.98
C SER C 219 -10.23 -18.23 -6.48
N GLN C 220 -11.28 -17.57 -6.00
CA GLN C 220 -11.72 -17.65 -4.62
C GLN C 220 -13.02 -18.45 -4.53
N ALA C 221 -13.02 -19.47 -3.67
CA ALA C 221 -14.20 -20.32 -3.47
C ALA C 221 -15.04 -19.84 -2.30
N ILE C 222 -16.35 -19.69 -2.55
CA ILE C 222 -17.33 -19.32 -1.53
C ILE C 222 -18.54 -20.25 -1.65
N CYS C 223 -18.95 -20.87 -0.54
CA CYS C 223 -20.10 -21.78 -0.65
C CYS C 223 -21.23 -21.55 0.35
N ALA C 224 -20.95 -21.50 1.64
CA ALA C 224 -22.04 -21.33 2.60
C ALA C 224 -23.13 -22.37 2.39
N PRO C 225 -22.93 -23.61 2.81
CA PRO C 225 -24.00 -24.62 2.70
C PRO C 225 -25.17 -24.29 3.61
N ASP C 226 -26.37 -24.67 3.17
CA ASP C 226 -27.61 -24.46 3.89
C ASP C 226 -27.81 -23.01 4.33
N PRO C 227 -28.05 -22.07 3.41
CA PRO C 227 -28.40 -20.70 3.79
C PRO C 227 -29.91 -20.49 3.77
N VAL C 228 -30.68 -21.52 3.41
CA VAL C 228 -32.12 -21.36 3.23
C VAL C 228 -32.98 -21.17 4.47
N THR C 229 -34.11 -20.51 4.30
CA THR C 229 -35.07 -20.31 5.39
C THR C 229 -36.33 -19.98 4.62
N CYS C 230 -37.52 -20.26 5.16
CA CYS C 230 -38.75 -19.86 4.51
C CYS C 230 -39.86 -19.56 5.50
N ASN C 231 -40.80 -18.70 5.09
CA ASN C 231 -42.05 -18.46 5.82
C ASN C 231 -43.19 -18.42 4.79
N ALA C 232 -44.36 -17.95 5.23
CA ALA C 232 -45.59 -18.13 4.45
C ALA C 232 -45.44 -17.58 3.03
N THR C 233 -44.92 -16.36 2.90
CA THR C 233 -44.91 -15.68 1.60
C THR C 233 -43.52 -15.49 1.02
N HIS C 234 -42.46 -15.69 1.79
CA HIS C 234 -41.12 -15.34 1.34
C HIS C 234 -40.15 -16.47 1.61
N MET C 235 -39.08 -16.48 0.83
CA MET C 235 -37.89 -17.27 1.10
C MET C 235 -36.76 -16.33 1.46
N THR C 236 -36.00 -16.66 2.50
CA THR C 236 -34.92 -15.81 2.97
C THR C 236 -33.61 -16.58 2.90
N LEU C 237 -32.59 -15.90 2.36
CA LEU C 237 -31.24 -16.40 2.28
C LEU C 237 -30.39 -15.54 3.20
N THR C 238 -29.78 -16.18 4.19
CA THR C 238 -28.95 -15.53 5.19
C THR C 238 -27.51 -15.96 4.98
N ILE C 239 -26.63 -14.98 4.79
CA ILE C 239 -25.19 -15.25 4.66
C ILE C 239 -24.47 -14.44 5.72
N PRO C 240 -23.56 -15.04 6.48
CA PRO C 240 -22.80 -14.26 7.47
C PRO C 240 -22.09 -13.08 6.84
N GLU C 241 -21.74 -12.11 7.70
CA GLU C 241 -20.99 -10.95 7.25
C GLU C 241 -19.56 -11.34 6.88
N PHE C 242 -19.10 -10.88 5.73
CA PHE C 242 -17.74 -11.12 5.28
C PHE C 242 -17.35 -10.00 4.34
N PRO C 243 -16.06 -9.91 3.95
CA PRO C 243 -15.62 -8.74 3.18
C PRO C 243 -16.45 -8.45 1.95
N GLY C 244 -16.79 -9.48 1.17
CA GLY C 244 -17.51 -9.24 -0.05
C GLY C 244 -18.94 -8.80 0.22
N LYS C 245 -19.46 -7.97 -0.67
CA LYS C 245 -20.85 -7.52 -0.57
C LYS C 245 -21.54 -7.73 -1.91
N LEU C 246 -22.81 -8.12 -1.85
CA LEU C 246 -23.55 -8.51 -3.02
C LEU C 246 -23.65 -7.41 -4.07
N LYS C 247 -23.49 -7.80 -5.35
CA LYS C 247 -23.58 -6.91 -6.48
C LYS C 247 -24.67 -7.29 -7.46
N SER C 248 -24.84 -8.57 -7.75
CA SER C 248 -25.82 -9.02 -8.73
C SER C 248 -26.48 -10.31 -8.26
N VAL C 249 -27.64 -10.60 -8.85
CA VAL C 249 -28.37 -11.84 -8.63
C VAL C 249 -28.84 -12.35 -9.97
N SER C 250 -28.65 -13.65 -10.22
CA SER C 250 -29.05 -14.25 -11.49
C SER C 250 -29.88 -15.49 -11.18
N PHE C 251 -31.06 -15.57 -11.79
CA PHE C 251 -31.92 -16.73 -11.59
C PHE C 251 -32.91 -16.81 -12.74
N GLU C 252 -33.19 -18.03 -13.19
CA GLU C 252 -34.07 -18.24 -14.33
C GLU C 252 -33.58 -17.41 -15.51
N ASN C 253 -32.27 -17.41 -15.71
CA ASN C 253 -31.62 -16.60 -16.74
C ASN C 253 -32.15 -15.17 -16.74
N GLN C 254 -32.23 -14.60 -15.54
CA GLN C 254 -32.59 -13.20 -15.32
C GLN C 254 -31.50 -12.59 -14.46
N ASN C 255 -30.82 -11.58 -14.99
CA ASN C 255 -29.73 -10.89 -14.30
C ASN C 255 -30.26 -9.57 -13.75
N ILE C 256 -30.14 -9.37 -12.44
CA ILE C 256 -30.67 -8.20 -11.75
C ILE C 256 -29.56 -7.61 -10.87
N ASP C 257 -29.30 -6.32 -11.04
CA ASP C 257 -28.38 -5.64 -10.14
C ASP C 257 -29.04 -5.38 -8.79
N VAL C 258 -28.21 -5.10 -7.80
CA VAL C 258 -28.74 -4.85 -6.46
C VAL C 258 -29.70 -3.67 -6.47
N SER C 259 -29.38 -2.63 -7.25
CA SER C 259 -30.22 -1.45 -7.31
C SER C 259 -31.62 -1.77 -7.80
N GLN C 260 -31.74 -2.75 -8.70
CA GLN C 260 -32.98 -3.05 -9.39
C GLN C 260 -33.78 -4.15 -8.71
N LEU C 261 -33.30 -4.66 -7.57
CA LEU C 261 -33.96 -5.79 -6.92
C LEU C 261 -35.36 -5.43 -6.43
N HIS C 262 -35.54 -4.23 -5.89
CA HIS C 262 -36.80 -3.90 -5.23
C HIS C 262 -37.97 -3.97 -6.20
N ASP C 263 -37.76 -3.61 -7.46
CA ASP C 263 -38.81 -3.64 -8.47
C ASP C 263 -39.09 -5.03 -9.01
N ASN C 264 -38.44 -6.06 -8.51
CA ASN C 264 -38.67 -7.43 -8.96
C ASN C 264 -39.15 -8.33 -7.82
N GLY C 265 -39.56 -7.77 -6.70
CA GLY C 265 -40.05 -8.58 -5.60
C GLY C 265 -38.98 -9.12 -4.70
N ILE C 266 -37.77 -8.59 -4.77
CA ILE C 266 -36.64 -9.02 -3.97
C ILE C 266 -36.15 -7.84 -3.15
N ASP C 267 -36.01 -8.04 -1.84
CA ASP C 267 -35.52 -6.98 -0.96
C ASP C 267 -34.26 -7.45 -0.23
N LEU C 268 -33.27 -6.55 -0.15
CA LEU C 268 -31.95 -6.89 0.40
C LEU C 268 -31.66 -6.03 1.62
N GLU C 269 -31.23 -6.68 2.70
CA GLU C 269 -30.70 -6.02 3.88
C GLU C 269 -29.23 -6.38 4.01
N ALA C 270 -28.35 -5.38 3.89
CA ALA C 270 -26.91 -5.61 3.85
C ALA C 270 -26.21 -5.31 5.17
N THR C 271 -26.93 -4.92 6.20
CA THR C 271 -26.31 -4.59 7.48
C THR C 271 -26.14 -5.84 8.33
N ASN C 272 -24.92 -6.05 8.83
CA ASN C 272 -24.60 -7.16 9.73
C ASN C 272 -24.84 -8.50 9.04
N GLY C 273 -24.27 -8.64 7.85
CA GLY C 273 -24.47 -9.81 7.02
C GLY C 273 -25.53 -9.56 5.96
N MET C 274 -25.68 -10.55 5.08
CA MET C 274 -26.61 -10.44 3.97
C MET C 274 -27.91 -11.18 4.31
N LYS C 275 -29.04 -10.50 4.13
CA LYS C 275 -30.36 -11.11 4.26
C LYS C 275 -31.16 -10.74 3.02
N LEU C 276 -31.48 -11.74 2.20
CA LEU C 276 -32.12 -11.52 0.90
C LEU C 276 -33.48 -12.20 0.91
N HIS C 277 -34.53 -11.43 0.61
CA HIS C 277 -35.91 -11.91 0.68
C HIS C 277 -36.49 -11.97 -0.73
N PHE C 278 -36.88 -13.18 -1.14
CA PHE C 278 -37.55 -13.44 -2.41
C PHE C 278 -39.03 -13.68 -2.16
N SER C 279 -39.87 -13.06 -2.97
CA SER C 279 -41.30 -13.37 -2.95
C SER C 279 -41.54 -14.74 -3.56
N LYS C 280 -42.41 -15.53 -2.91
CA LYS C 280 -42.68 -16.88 -3.39
C LYS C 280 -43.27 -16.90 -4.79
N THR C 281 -43.83 -15.78 -5.25
CA THR C 281 -44.41 -15.74 -6.59
C THR C 281 -43.36 -15.87 -7.69
N LEU C 282 -42.09 -15.67 -7.38
CA LEU C 282 -41.03 -15.87 -8.36
C LEU C 282 -40.44 -17.27 -8.32
N LEU C 283 -40.80 -18.07 -7.33
CA LEU C 283 -40.22 -19.38 -7.14
C LEU C 283 -41.06 -20.42 -7.88
N LYS C 284 -40.41 -21.51 -8.25
CA LYS C 284 -41.12 -22.67 -8.77
C LYS C 284 -41.63 -23.52 -7.61
N THR C 285 -42.46 -24.50 -7.95
CA THR C 285 -42.99 -25.43 -6.97
C THR C 285 -42.71 -26.85 -7.44
N LYS C 286 -42.31 -27.72 -6.50
CA LYS C 286 -42.08 -29.11 -6.83
C LYS C 286 -42.51 -30.01 -5.67
N LEU C 287 -42.93 -31.23 -6.01
CA LEU C 287 -43.33 -32.22 -5.02
C LEU C 287 -42.20 -33.24 -4.86
N SER C 288 -41.58 -33.25 -3.70
CA SER C 288 -40.53 -34.23 -3.41
C SER C 288 -41.15 -35.57 -3.01
N GLU C 289 -40.38 -36.63 -3.21
CA GLU C 289 -40.86 -37.98 -2.94
C GLU C 289 -40.82 -38.35 -1.46
N LYS C 290 -40.12 -37.59 -0.64
CA LYS C 290 -40.11 -37.78 0.81
C LYS C 290 -41.04 -36.81 1.52
N CYS C 291 -41.82 -36.03 0.77
CA CYS C 291 -42.65 -34.96 1.32
C CYS C 291 -44.09 -35.11 0.85
N LEU C 292 -45.03 -34.91 1.76
CA LEU C 292 -46.44 -34.97 1.43
C LEU C 292 -47.01 -33.66 0.89
N LEU C 293 -46.23 -32.58 0.90
CA LEU C 293 -46.70 -31.28 0.42
C LEU C 293 -45.66 -30.69 -0.53
N HIS C 294 -46.13 -29.79 -1.39
CA HIS C 294 -45.24 -29.12 -2.32
C HIS C 294 -44.22 -28.26 -1.57
N GLN C 295 -43.10 -28.00 -2.26
CA GLN C 295 -42.03 -27.14 -1.77
C GLN C 295 -41.80 -26.02 -2.78
N PHE C 296 -41.79 -24.78 -2.28
CA PHE C 296 -41.34 -23.65 -3.08
C PHE C 296 -39.82 -23.69 -3.17
N TYR C 297 -39.29 -23.55 -4.40
CA TYR C 297 -37.86 -23.69 -4.59
C TYR C 297 -37.42 -22.85 -5.78
N LEU C 298 -36.10 -22.70 -5.92
CA LEU C 298 -35.46 -22.16 -7.11
C LEU C 298 -34.54 -23.23 -7.69
N ALA C 299 -34.52 -23.33 -9.02
CA ALA C 299 -33.71 -24.37 -9.66
C ALA C 299 -32.23 -24.08 -9.51
N SER C 300 -31.83 -22.83 -9.68
CA SER C 300 -30.43 -22.44 -9.51
C SER C 300 -30.41 -20.94 -9.27
N LEU C 301 -29.76 -20.52 -8.18
CA LEU C 301 -29.63 -19.11 -7.83
C LEU C 301 -28.16 -18.76 -7.77
N LYS C 302 -27.76 -17.73 -8.50
CA LYS C 302 -26.37 -17.29 -8.57
C LYS C 302 -26.24 -15.94 -7.89
N LEU C 303 -25.41 -15.87 -6.86
CA LEU C 303 -25.13 -14.65 -6.12
C LEU C 303 -23.72 -14.20 -6.47
N THR C 304 -23.54 -13.03 -7.09
CA THR C 304 -22.22 -12.52 -7.44
C THR C 304 -21.84 -11.47 -6.44
N PHE C 305 -20.62 -11.50 -5.89
CA PHE C 305 -20.20 -10.56 -4.85
C PHE C 305 -19.00 -9.79 -5.32
N LEU C 306 -18.88 -8.52 -4.93
CA LEU C 306 -17.78 -7.69 -5.40
C LEU C 306 -16.86 -7.36 -4.26
N LEU C 307 -15.87 -8.23 -4.01
CA LEU C 307 -14.87 -7.94 -3.00
C LEU C 307 -14.04 -6.84 -3.63
N ARG C 308 -13.45 -5.98 -2.82
CA ARG C 308 -12.68 -4.87 -3.37
C ARG C 308 -11.58 -5.44 -4.28
N PRO C 309 -10.88 -6.51 -3.85
CA PRO C 309 -9.91 -7.06 -4.81
C PRO C 309 -10.50 -7.67 -6.09
N GLU C 310 -11.59 -8.43 -6.01
CA GLU C 310 -12.12 -9.13 -7.20
C GLU C 310 -13.62 -9.41 -7.16
N THR C 311 -14.22 -9.78 -8.30
CA THR C 311 -15.63 -10.19 -8.31
C THR C 311 -15.69 -11.70 -8.22
N VAL C 312 -16.55 -12.23 -7.36
CA VAL C 312 -16.63 -13.67 -7.14
C VAL C 312 -18.10 -14.06 -7.13
N SER C 313 -18.42 -15.32 -7.45
CA SER C 313 -19.81 -15.76 -7.50
C SER C 313 -20.04 -17.14 -6.92
N MET C 314 -21.25 -17.42 -6.45
CA MET C 314 -21.60 -18.70 -5.84
C MET C 314 -22.98 -19.11 -6.34
N VAL C 315 -23.12 -20.38 -6.69
CA VAL C 315 -24.38 -20.93 -7.19
C VAL C 315 -24.93 -21.88 -6.14
N ILE C 316 -26.15 -21.62 -5.69
CA ILE C 316 -26.82 -22.40 -4.68
C ILE C 316 -28.14 -22.91 -5.24
N TYR C 317 -28.67 -23.94 -4.59
CA TYR C 317 -29.92 -24.59 -5.02
C TYR C 317 -30.86 -24.60 -3.82
N PRO C 318 -31.54 -23.49 -3.57
CA PRO C 318 -32.31 -23.33 -2.33
C PRO C 318 -33.76 -23.79 -2.47
N GLU C 319 -34.26 -24.45 -1.42
CA GLU C 319 -35.65 -24.86 -1.36
C GLU C 319 -36.16 -24.73 0.06
N CYS C 320 -37.42 -24.33 0.20
CA CYS C 320 -38.05 -24.30 1.51
C CYS C 320 -38.09 -25.71 2.09
N LEU C 321 -38.05 -25.78 3.42
CA LEU C 321 -38.08 -27.08 4.09
C LEU C 321 -39.43 -27.76 3.91
N CYS C 322 -39.40 -29.09 3.89
CA CYS C 322 -40.64 -29.85 3.82
C CYS C 322 -41.43 -29.69 5.11
N GLU C 323 -42.73 -29.39 4.99
CA GLU C 323 -43.56 -29.18 6.18
C GLU C 323 -43.94 -30.51 6.82
N SER C 324 -44.50 -31.43 6.05
CA SER C 324 -44.93 -32.73 6.57
C SER C 324 -44.14 -33.78 5.81
N PRO C 325 -43.25 -34.53 6.47
CA PRO C 325 -42.53 -35.58 5.76
C PRO C 325 -43.45 -36.74 5.49
N VAL C 326 -43.06 -37.58 4.55
CA VAL C 326 -43.87 -38.77 4.30
C VAL C 326 -43.47 -39.77 5.38
#